data_5JEN
#
_entry.id   5JEN
#
_cell.length_a   45.213
_cell.length_b   130.326
_cell.length_c   136.712
_cell.angle_alpha   90.00
_cell.angle_beta   90.00
_cell.angle_gamma   90.00
#
_symmetry.space_group_name_H-M   'P 2 21 21'
#
loop_
_entity.id
_entity.type
_entity.pdbx_description
1 polymer 'Anti-sigma-V factor RsiV'
2 polymer 'Lysozyme C'
3 non-polymer 'SODIUM ION'
4 non-polymer 'CHLORIDE ION'
5 water water
#
loop_
_entity_poly.entity_id
_entity_poly.type
_entity_poly.pdbx_seq_one_letter_code
_entity_poly.pdbx_strand_id
1 'polypeptide(L)'
;(MSE)SYYHHHHHHLESTSLYKKAGSAAAPFT(MSE)DYKDDDDKDYKDDDDKNPDAAQA(MSE)SKIPVIGKIVKAITF
IEIKEEKDQSSIDVKTPALSGLSNKELENSINEKYLKESQQLYKEFIQSTSKNKKGHLSIYSDYETVTDTPDLLSIRRNI
ETTQASSYTQSRYITIDKKNDILLTLKSLFKDERYIKVISQNIKEQ(MSE)KQQ(MSE)KEDPNKIYWLTDEDAEPFKTI
LPDQTFYITEDHKLVISFDEYEVAPGY(MSE)GVTEFTIPTGVISNLLVGERYIR
;
A,C
2 'polypeptide(L)'
;MKVFGRCELAAAMKRHGLDNYRGYSLGNWVCAAKFESNFNTQATNRNTDGSTDYGILQINSRWWCNDGRTPGSRNLCNIP
CSALLSSDITASVNCAKKIVSDGNGMNAWVAWRNRCKGTDVQAWIRGCRL
;
B,D
#
# COMPACT_ATOMS: atom_id res chain seq x y z
N ILE A 62 -6.76 22.55 24.38
CA ILE A 62 -6.86 21.46 23.39
C ILE A 62 -7.88 21.75 22.28
N VAL A 63 -7.38 21.62 21.04
CA VAL A 63 -8.17 21.76 19.81
C VAL A 63 -8.07 20.44 19.04
N LYS A 64 -9.23 19.87 18.73
CA LYS A 64 -9.35 18.52 18.18
C LYS A 64 -10.73 18.39 17.54
N ALA A 65 -10.83 17.42 16.63
CA ALA A 65 -12.11 17.07 16.03
C ALA A 65 -12.68 15.88 16.78
N ILE A 66 -13.99 15.90 16.97
CA ILE A 66 -14.73 14.77 17.52
C ILE A 66 -15.94 14.49 16.64
N THR A 67 -16.32 13.21 16.60
CA THR A 67 -17.58 12.82 15.97
C THR A 67 -18.74 13.39 16.76
N PHE A 68 -19.65 14.06 16.06
CA PHE A 68 -20.80 14.65 16.72
C PHE A 68 -22.15 14.20 16.19
N ILE A 69 -22.26 13.73 14.95
CA ILE A 69 -23.46 13.01 14.53
C ILE A 69 -23.08 11.87 13.60
N GLU A 70 -23.80 10.76 13.75
CA GLU A 70 -23.60 9.60 12.90
C GLU A 70 -24.95 9.16 12.41
N ILE A 71 -25.04 8.89 11.10
CA ILE A 71 -26.25 8.41 10.44
C ILE A 71 -25.86 7.24 9.55
N LYS A 72 -26.31 6.04 9.92
CA LYS A 72 -26.22 4.88 9.05
C LYS A 72 -27.62 4.34 8.88
N GLU A 73 -28.01 4.09 7.64
CA GLU A 73 -29.39 3.76 7.35
C GLU A 73 -29.45 3.18 5.96
N GLU A 74 -30.30 2.20 5.78
CA GLU A 74 -30.47 1.58 4.48
C GLU A 74 -31.95 1.39 4.19
N LYS A 75 -32.33 1.52 2.92
CA LYS A 75 -33.73 1.38 2.55
C LYS A 75 -33.93 1.38 1.04
N ASP A 76 -34.70 0.39 0.56
CA ASP A 76 -34.96 0.14 -0.85
C ASP A 76 -33.65 0.05 -1.59
N GLN A 77 -33.39 0.92 -2.57
CA GLN A 77 -32.16 0.93 -3.33
C GLN A 77 -31.16 1.99 -2.87
N SER A 78 -31.26 2.43 -1.61
CA SER A 78 -30.56 3.62 -1.15
C SER A 78 -29.86 3.32 0.15
N SER A 79 -28.67 3.90 0.33
CA SER A 79 -28.05 3.91 1.66
C SER A 79 -27.27 5.17 1.93
N ILE A 80 -27.04 5.39 3.22
CA ILE A 80 -26.26 6.48 3.73
C ILE A 80 -25.43 5.99 4.91
N ASP A 81 -24.18 6.50 5.00
CA ASP A 81 -23.22 6.15 6.05
C ASP A 81 -22.35 7.40 6.27
N VAL A 82 -22.80 8.24 7.19
CA VAL A 82 -22.20 9.55 7.43
C VAL A 82 -21.66 9.63 8.85
N LYS A 83 -20.39 10.03 8.98
CA LYS A 83 -19.82 10.49 10.22
C LYS A 83 -19.43 11.95 10.00
N THR A 84 -19.93 12.82 10.88
CA THR A 84 -19.73 14.25 10.81
C THR A 84 -18.86 14.70 11.97
N PRO A 85 -17.86 15.54 11.69
CA PRO A 85 -17.02 16.08 12.76
C PRO A 85 -17.56 17.37 13.35
N ALA A 86 -17.14 17.63 14.58
CA ALA A 86 -17.32 18.93 15.20
C ALA A 86 -15.98 19.41 15.75
N LEU A 87 -15.75 20.72 15.64
CA LEU A 87 -14.54 21.33 16.17
C LEU A 87 -14.81 21.79 17.58
N SER A 88 -13.92 21.41 18.52
CA SER A 88 -13.97 21.87 19.90
C SER A 88 -12.59 22.33 20.36
N GLY A 89 -12.58 23.25 21.30
CA GLY A 89 -11.34 23.69 21.92
C GLY A 89 -10.94 25.09 21.58
N LEU A 90 -11.65 25.74 20.67
CA LEU A 90 -11.29 27.07 20.23
C LEU A 90 -11.61 28.09 21.32
N SER A 91 -10.69 29.02 21.57
CA SER A 91 -11.01 30.12 22.47
C SER A 91 -12.04 31.07 21.84
N ASN A 92 -12.15 31.09 20.51
CA ASN A 92 -13.08 31.98 19.81
C ASN A 92 -14.31 31.19 19.39
N LYS A 93 -15.36 31.24 20.22
CA LYS A 93 -16.52 30.37 20.04
C LYS A 93 -17.36 30.80 18.85
N GLU A 94 -17.40 32.11 18.49
CA GLU A 94 -18.15 32.50 17.30
C GLU A 94 -17.57 31.87 16.03
N LEU A 95 -16.25 31.63 16.00
CA LEU A 95 -15.66 30.91 14.88
C LEU A 95 -15.96 29.42 14.99
N GLU A 96 -15.78 28.87 16.19
CA GLU A 96 -16.03 27.45 16.42
C GLU A 96 -17.47 27.07 16.09
N ASN A 97 -18.42 27.96 16.39
CA ASN A 97 -19.82 27.67 16.06
C ASN A 97 -20.10 27.89 14.59
N SER A 98 -19.48 28.92 14.00
CA SER A 98 -19.64 29.08 12.56
C SER A 98 -19.12 27.84 11.84
N ILE A 99 -17.96 27.35 12.26
CA ILE A 99 -17.41 26.18 11.61
C ILE A 99 -18.34 24.99 11.78
N ASN A 100 -18.85 24.81 13.00
CA ASN A 100 -19.60 23.61 13.29
C ASN A 100 -20.99 23.67 12.68
N GLU A 101 -21.50 24.88 12.49
CA GLU A 101 -22.78 25.06 11.81
C GLU A 101 -22.70 24.59 10.36
N LYS A 102 -21.56 24.80 9.70
CA LYS A 102 -21.44 24.45 8.29
C LYS A 102 -21.27 22.94 8.12
N TYR A 103 -20.58 22.30 9.05
CA TYR A 103 -20.49 20.84 9.00
C TYR A 103 -21.87 20.18 9.13
N LEU A 104 -22.76 20.78 9.91
CA LEU A 104 -24.08 20.23 10.16
C LEU A 104 -25.05 20.51 9.00
N LYS A 105 -25.00 21.71 8.40
CA LYS A 105 -25.78 21.93 7.18
C LYS A 105 -25.34 20.95 6.09
N GLU A 106 -24.06 20.64 6.02
CA GLU A 106 -23.62 19.71 4.99
C GLU A 106 -24.15 18.31 5.26
N SER A 107 -24.10 17.87 6.52
CA SER A 107 -24.69 16.58 6.87
C SER A 107 -26.18 16.54 6.56
N GLN A 108 -26.88 17.59 6.97
CA GLN A 108 -28.33 17.67 6.78
C GLN A 108 -28.68 17.54 5.31
N GLN A 109 -27.94 18.27 4.45
CA GLN A 109 -28.08 18.14 3.02
C GLN A 109 -27.87 16.68 2.58
N LEU A 110 -26.85 16.03 3.11
CA LEU A 110 -26.59 14.64 2.71
C LEU A 110 -27.78 13.73 3.09
N TYR A 111 -28.36 13.90 4.29
CA TYR A 111 -29.53 13.10 4.66
C TYR A 111 -30.71 13.41 3.76
N LYS A 112 -30.90 14.69 3.42
CA LYS A 112 -31.99 15.06 2.54
C LYS A 112 -31.91 14.29 1.22
N GLU A 113 -30.71 14.16 0.65
CA GLU A 113 -30.59 13.52 -0.65
C GLU A 113 -30.88 12.04 -0.55
N PHE A 114 -30.56 11.43 0.60
CA PHE A 114 -30.89 10.02 0.83
C PHE A 114 -32.40 9.85 0.98
N ILE A 115 -33.05 10.75 1.73
CA ILE A 115 -34.49 10.63 1.90
C ILE A 115 -35.17 10.85 0.56
N GLN A 116 -34.63 11.75 -0.24
CA GLN A 116 -35.25 12.01 -1.53
C GLN A 116 -35.13 10.81 -2.48
N SER A 117 -34.02 10.07 -2.42
CA SER A 117 -33.86 8.87 -3.23
C SER A 117 -34.74 7.69 -2.77
N THR A 118 -35.22 7.69 -1.53
CA THR A 118 -36.13 6.65 -1.04
C THR A 118 -37.61 7.01 -1.22
N SER A 119 -37.90 8.16 -1.83
CA SER A 119 -39.23 8.71 -1.94
C SER A 119 -39.68 8.66 -3.39
N LYS A 120 -40.98 8.51 -3.56
CA LYS A 120 -41.58 8.68 -4.87
C LYS A 120 -41.07 7.55 -5.77
N ASN A 121 -40.82 7.81 -7.05
CA ASN A 121 -40.38 6.76 -7.95
C ASN A 121 -38.92 6.43 -7.68
N LYS A 122 -38.60 5.15 -7.76
CA LYS A 122 -37.21 4.69 -7.81
C LYS A 122 -36.44 5.36 -8.94
N LYS A 123 -35.23 5.81 -8.61
CA LYS A 123 -34.32 6.46 -9.56
C LYS A 123 -32.97 5.79 -9.63
N GLY A 124 -32.88 4.51 -9.29
CA GLY A 124 -31.64 3.76 -9.39
C GLY A 124 -30.96 3.66 -8.04
N HIS A 125 -29.96 2.78 -7.98
CA HIS A 125 -29.24 2.58 -6.74
C HIS A 125 -28.33 3.77 -6.44
N LEU A 126 -28.24 4.12 -5.16
CA LEU A 126 -27.42 5.26 -4.74
C LEU A 126 -26.86 5.00 -3.35
N SER A 127 -25.54 5.16 -3.21
CA SER A 127 -24.88 5.08 -1.92
C SER A 127 -24.21 6.42 -1.61
N ILE A 128 -24.44 6.93 -0.39
CA ILE A 128 -23.87 8.18 0.11
C ILE A 128 -23.04 7.86 1.34
N TYR A 129 -21.78 8.33 1.36
CA TYR A 129 -20.82 8.08 2.41
C TYR A 129 -20.08 9.38 2.73
N SER A 130 -19.84 9.62 4.00
CA SER A 130 -19.02 10.76 4.39
C SER A 130 -18.30 10.40 5.65
N ASP A 131 -17.03 10.75 5.71
CA ASP A 131 -16.21 10.55 6.90
C ASP A 131 -15.21 11.70 6.95
N TYR A 132 -14.22 11.54 7.80
CA TYR A 132 -13.36 12.69 8.10
C TYR A 132 -12.13 12.18 8.82
N GLU A 133 -11.04 12.92 8.65
CA GLU A 133 -9.77 12.48 9.18
C GLU A 133 -8.94 13.73 9.48
N THR A 134 -8.24 13.71 10.61
CA THR A 134 -7.34 14.77 11.01
C THR A 134 -6.00 14.47 10.34
N VAL A 135 -5.60 15.34 9.41
CA VAL A 135 -4.42 15.06 8.56
C VAL A 135 -3.22 15.78 9.13
N THR A 136 -3.48 16.87 9.84
CA THR A 136 -2.42 17.60 10.51
C THR A 136 -2.88 18.03 11.89
N ASP A 137 -2.11 17.64 12.92
CA ASP A 137 -2.41 17.95 14.33
C ASP A 137 -1.08 18.30 15.02
N THR A 138 -0.70 19.57 14.96
CA THR A 138 0.49 20.04 15.65
C THR A 138 0.09 21.01 16.74
N PRO A 139 1.02 21.39 17.59
CA PRO A 139 0.71 22.49 18.52
C PRO A 139 0.19 23.75 17.83
N ASP A 140 0.68 24.09 16.63
CA ASP A 140 0.27 25.34 15.99
C ASP A 140 -0.91 25.20 15.02
N LEU A 141 -1.20 23.99 14.55
CA LEU A 141 -2.02 23.82 13.36
C LEU A 141 -2.90 22.57 13.43
N LEU A 142 -4.15 22.74 13.06
CA LEU A 142 -5.05 21.61 12.85
C LEU A 142 -5.61 21.71 11.45
N SER A 143 -5.59 20.58 10.73
CA SER A 143 -6.25 20.45 9.42
C SER A 143 -7.09 19.18 9.35
N ILE A 144 -8.33 19.31 8.86
CA ILE A 144 -9.29 18.21 8.84
C ILE A 144 -9.81 17.97 7.42
N ARG A 145 -9.71 16.71 6.97
CA ARG A 145 -10.23 16.27 5.69
C ARG A 145 -11.65 15.76 5.90
N ARG A 146 -12.58 16.25 5.10
CA ARG A 146 -13.91 15.66 5.02
C ARG A 146 -14.14 15.11 3.61
N ASN A 147 -14.51 13.83 3.53
CA ASN A 147 -14.80 13.20 2.26
C ASN A 147 -16.29 13.05 2.07
N ILE A 148 -16.73 13.23 0.83
CA ILE A 148 -18.12 13.12 0.47
C ILE A 148 -18.10 12.27 -0.77
N GLU A 149 -18.63 11.06 -0.65
CA GLU A 149 -18.57 10.06 -1.69
C GLU A 149 -19.98 9.65 -2.05
N THR A 150 -20.30 9.80 -3.33
CA THR A 150 -21.56 9.38 -3.90
C THR A 150 -21.30 8.25 -4.91
N THR A 151 -22.02 7.14 -4.79
CA THR A 151 -21.83 5.99 -5.67
C THR A 151 -23.14 5.53 -6.28
N GLN A 152 -23.21 5.56 -7.61
CA GLN A 152 -24.27 4.88 -8.35
C GLN A 152 -23.57 3.87 -9.24
N ALA A 153 -23.29 4.22 -10.50
CA ALA A 153 -22.56 3.28 -11.36
C ALA A 153 -21.12 3.17 -10.92
N SER A 154 -20.52 4.32 -10.60
CA SER A 154 -19.13 4.47 -10.29
C SER A 154 -19.07 5.35 -9.05
N SER A 155 -17.94 5.33 -8.36
CA SER A 155 -17.77 6.19 -7.18
C SER A 155 -17.34 7.58 -7.58
N TYR A 156 -17.78 8.57 -6.80
CA TYR A 156 -17.45 9.99 -6.98
C TYR A 156 -17.08 10.60 -5.64
N THR A 157 -15.80 10.85 -5.41
CA THR A 157 -15.28 11.37 -4.15
C THR A 157 -14.90 12.85 -4.26
N GLN A 158 -15.41 13.67 -3.34
CA GLN A 158 -14.89 15.01 -3.10
C GLN A 158 -14.20 15.05 -1.74
N SER A 159 -13.10 15.77 -1.67
CA SER A 159 -12.40 15.95 -0.40
C SER A 159 -12.21 17.43 -0.14
N ARG A 160 -12.68 17.87 1.03
CA ARG A 160 -12.59 19.26 1.41
C ARG A 160 -11.79 19.38 2.70
N TYR A 161 -11.16 20.51 2.88
CA TYR A 161 -10.30 20.68 4.02
C TYR A 161 -10.63 21.99 4.71
N ILE A 162 -10.39 22.00 6.00
CA ILE A 162 -10.21 23.24 6.72
C ILE A 162 -8.89 23.15 7.47
N THR A 163 -8.27 24.30 7.65
CA THR A 163 -6.96 24.35 8.32
C THR A 163 -7.00 25.53 9.28
N ILE A 164 -6.72 25.25 10.54
CA ILE A 164 -6.96 26.21 11.62
C ILE A 164 -5.61 26.55 12.28
N ASP A 165 -5.37 27.85 12.47
CA ASP A 165 -4.24 28.34 13.27
C ASP A 165 -4.65 28.24 14.75
N LYS A 166 -4.06 27.30 15.48
CA LYS A 166 -4.55 27.03 16.83
C LYS A 166 -4.20 28.16 17.80
N LYS A 167 -3.09 28.86 17.58
CA LYS A 167 -2.68 29.87 18.56
C LYS A 167 -3.53 31.13 18.43
N ASN A 168 -3.92 31.50 17.22
CA ASN A 168 -4.62 32.75 17.00
C ASN A 168 -6.09 32.57 16.69
N ASP A 169 -6.60 31.35 16.77
CA ASP A 169 -7.99 31.04 16.40
C ASP A 169 -8.35 31.61 15.03
N ILE A 170 -7.65 31.14 14.00
CA ILE A 170 -7.88 31.60 12.64
C ILE A 170 -8.19 30.42 11.74
N LEU A 171 -9.22 30.58 10.94
CA LEU A 171 -9.49 29.70 9.82
C LEU A 171 -8.76 30.26 8.63
N LEU A 172 -7.79 29.52 8.13
CA LEU A 172 -6.96 30.03 7.04
C LEU A 172 -7.65 29.84 5.72
N THR A 173 -7.63 30.88 4.89
CA THR A 173 -7.88 30.76 3.46
C THR A 173 -6.57 30.70 2.67
N LEU A 174 -6.63 30.04 1.51
CA LEU A 174 -5.49 30.02 0.59
C LEU A 174 -4.97 31.42 0.32
N LYS A 175 -5.90 32.34 0.06
CA LYS A 175 -5.61 33.74 -0.29
C LYS A 175 -4.82 34.44 0.80
N SER A 176 -5.18 34.21 2.06
CA SER A 176 -4.55 34.89 3.18
C SER A 176 -3.08 34.51 3.33
N LEU A 177 -2.64 33.41 2.71
CA LEU A 177 -1.22 33.02 2.80
C LEU A 177 -0.31 33.89 1.94
N PHE A 178 -0.85 34.62 0.96
CA PHE A 178 -0.01 35.26 -0.03
C PHE A 178 -0.27 36.76 -0.10
N LYS A 179 0.75 37.53 -0.54
CA LYS A 179 0.65 38.99 -0.57
C LYS A 179 -0.30 39.50 -1.65
N ASP A 180 -0.54 38.73 -2.71
CA ASP A 180 -1.40 39.22 -3.78
C ASP A 180 -1.81 38.05 -4.65
N GLU A 181 -2.55 38.35 -5.71
CA GLU A 181 -3.21 37.31 -6.50
C GLU A 181 -2.26 36.58 -7.44
N ARG A 182 -0.99 36.97 -7.53
CA ARG A 182 -0.11 36.20 -8.40
C ARG A 182 0.02 34.74 -7.99
N TYR A 183 -0.41 34.32 -6.79
CA TYR A 183 -0.21 32.94 -6.40
C TYR A 183 -0.98 32.00 -7.30
N ILE A 184 -2.09 32.47 -7.87
CA ILE A 184 -2.96 31.62 -8.67
C ILE A 184 -2.20 31.10 -9.88
N LYS A 185 -1.62 32.01 -10.66
CA LYS A 185 -0.89 31.60 -11.83
C LYS A 185 0.38 30.85 -11.45
N VAL A 186 1.04 31.27 -10.37
CA VAL A 186 2.33 30.64 -10.03
C VAL A 186 2.09 29.18 -9.62
N ILE A 187 1.04 28.94 -8.85
CA ILE A 187 0.74 27.58 -8.40
C ILE A 187 0.22 26.76 -9.55
N SER A 188 -0.68 27.34 -10.35
CA SER A 188 -1.23 26.60 -11.50
C SER A 188 -0.10 26.08 -12.37
N GLN A 189 0.87 26.94 -12.64
CA GLN A 189 1.98 26.58 -13.52
C GLN A 189 2.82 25.45 -12.93
N ASN A 190 3.18 25.57 -11.64
CA ASN A 190 3.95 24.52 -11.00
C ASN A 190 3.21 23.19 -11.08
N ILE A 191 1.88 23.22 -10.99
CA ILE A 191 1.11 21.98 -10.98
C ILE A 191 1.18 21.34 -12.36
N LYS A 192 1.03 22.16 -13.41
CA LYS A 192 1.21 21.67 -14.79
C LYS A 192 2.57 20.99 -14.97
N GLU A 193 3.62 21.59 -14.44
CA GLU A 193 4.93 20.96 -14.53
C GLU A 193 4.95 19.63 -13.76
N GLN A 194 4.37 19.62 -12.56
CA GLN A 194 4.36 18.38 -11.80
C GLN A 194 3.62 17.29 -12.55
N LYS A 196 3.21 16.97 -15.66
CA LYS A 196 3.95 16.58 -16.84
C LYS A 196 5.02 15.59 -16.47
N GLN A 197 5.75 15.93 -15.42
CA GLN A 197 6.80 15.05 -14.94
C GLN A 197 6.21 13.72 -14.48
N GLN A 198 5.04 13.76 -13.82
CA GLN A 198 4.44 12.52 -13.35
C GLN A 198 4.10 11.61 -14.51
N LYS A 200 5.33 11.58 -17.44
CA LYS A 200 6.57 11.14 -18.05
C LYS A 200 7.11 9.90 -17.35
N GLU A 201 7.13 9.93 -16.02
CA GLU A 201 7.72 8.86 -15.19
C GLU A 201 6.86 7.60 -15.12
N ASP A 202 5.57 7.70 -15.43
CA ASP A 202 4.62 6.63 -15.12
C ASP A 202 3.54 6.72 -16.17
N PRO A 203 3.56 5.84 -17.17
CA PRO A 203 2.52 5.90 -18.20
C PRO A 203 1.15 5.43 -17.70
N ASN A 204 1.03 5.00 -16.44
CA ASN A 204 -0.30 4.76 -15.86
C ASN A 204 -0.89 6.01 -15.18
N LYS A 205 -0.18 7.13 -15.15
CA LYS A 205 -0.74 8.37 -14.64
C LYS A 205 -1.21 9.22 -15.81
N ILE A 206 -2.47 9.64 -15.77
CA ILE A 206 -3.09 10.46 -16.83
C ILE A 206 -3.71 11.69 -16.18
N TYR A 207 -3.27 12.88 -16.59
CA TYR A 207 -3.96 14.12 -16.29
C TYR A 207 -4.42 14.76 -17.59
N TRP A 208 -5.53 15.49 -17.53
CA TRP A 208 -5.97 16.30 -18.67
C TRP A 208 -5.09 17.55 -18.80
N LEU A 209 -3.94 17.38 -19.45
CA LEU A 209 -2.92 18.42 -19.54
C LEU A 209 -2.75 18.85 -20.99
N THR A 210 -2.20 18.00 -21.84
CA THR A 210 -2.03 18.26 -23.25
C THR A 210 -2.89 17.34 -24.13
N ASP A 211 -3.89 16.68 -23.54
CA ASP A 211 -4.81 15.79 -24.27
C ASP A 211 -5.71 16.61 -25.21
N GLU A 212 -5.69 16.29 -26.53
CA GLU A 212 -6.46 17.11 -27.49
C GLU A 212 -7.97 16.87 -27.45
N ASP A 213 -8.44 15.85 -26.73
CA ASP A 213 -9.86 15.56 -26.72
C ASP A 213 -10.55 15.93 -25.42
N ALA A 214 -9.80 16.28 -24.35
CA ALA A 214 -10.39 16.67 -23.07
C ALA A 214 -10.02 18.11 -22.75
N GLU A 215 -10.99 18.86 -22.22
CA GLU A 215 -10.74 20.19 -21.69
C GLU A 215 -9.55 20.13 -20.70
N PRO A 216 -8.47 20.88 -20.92
CA PRO A 216 -7.29 20.75 -20.05
C PRO A 216 -7.46 21.52 -18.75
N PHE A 217 -6.62 21.16 -17.78
CA PHE A 217 -6.46 21.95 -16.57
C PHE A 217 -5.68 23.22 -16.91
N LYS A 218 -6.30 24.38 -16.67
CA LYS A 218 -5.72 25.68 -16.93
C LYS A 218 -5.30 26.42 -15.67
N THR A 219 -6.18 26.54 -14.68
CA THR A 219 -5.89 27.32 -13.50
C THR A 219 -6.57 26.74 -12.25
N ILE A 220 -5.88 26.82 -11.11
CA ILE A 220 -6.58 26.60 -9.84
C ILE A 220 -7.58 27.75 -9.59
N LEU A 221 -8.60 27.46 -8.77
CA LEU A 221 -9.50 28.48 -8.33
C LEU A 221 -8.83 29.33 -7.25
N PRO A 222 -9.33 30.55 -7.03
CA PRO A 222 -8.76 31.40 -5.97
C PRO A 222 -8.96 30.83 -4.58
N ASP A 223 -10.06 30.11 -4.35
CA ASP A 223 -10.28 29.37 -3.10
C ASP A 223 -10.17 27.85 -3.32
N GLN A 224 -9.18 27.43 -4.12
CA GLN A 224 -8.99 26.00 -4.40
C GLN A 224 -8.79 25.24 -3.10
N THR A 225 -9.28 24.02 -3.06
CA THR A 225 -9.08 23.22 -1.87
C THR A 225 -7.59 23.10 -1.59
N PHE A 226 -7.22 23.29 -0.35
CA PHE A 226 -5.83 23.17 0.07
C PHE A 226 -5.77 22.71 1.52
N TYR A 227 -4.60 22.24 1.92
CA TYR A 227 -4.32 22.14 3.33
C TYR A 227 -2.83 22.32 3.52
N ILE A 228 -2.42 22.31 4.79
CA ILE A 228 -1.03 22.48 5.21
C ILE A 228 -0.60 21.30 6.06
N THR A 229 0.54 20.70 5.69
CA THR A 229 1.02 19.48 6.30
C THR A 229 1.74 19.78 7.61
N GLU A 230 2.14 18.71 8.30
CA GLU A 230 2.81 18.87 9.58
C GLU A 230 4.17 19.48 9.36
N ASP A 231 4.80 19.20 8.20
CA ASP A 231 6.06 19.79 7.87
C ASP A 231 5.93 21.21 7.26
N HIS A 232 4.77 21.85 7.37
CA HIS A 232 4.60 23.23 6.93
C HIS A 232 4.66 23.38 5.41
N LYS A 233 4.17 22.39 4.66
CA LYS A 233 4.05 22.49 3.21
C LYS A 233 2.59 22.69 2.79
N LEU A 234 2.42 23.45 1.72
CA LEU A 234 1.12 23.70 1.11
C LEU A 234 0.77 22.59 0.12
N VAL A 235 -0.44 22.07 0.22
CA VAL A 235 -0.94 21.01 -0.67
C VAL A 235 -2.20 21.53 -1.33
N ILE A 236 -2.32 21.35 -2.64
CA ILE A 236 -3.55 21.66 -3.39
C ILE A 236 -4.21 20.35 -3.70
N SER A 237 -5.54 20.31 -3.59
CA SER A 237 -6.24 19.05 -3.82
C SER A 237 -7.32 19.21 -4.86
N PHE A 238 -7.42 18.20 -5.68
CA PHE A 238 -8.44 18.16 -6.71
C PHE A 238 -9.37 16.97 -6.48
N ASP A 239 -10.69 17.25 -6.54
CA ASP A 239 -11.69 16.21 -6.51
C ASP A 239 -11.50 15.25 -7.69
N GLU A 240 -12.18 14.11 -7.60
CA GLU A 240 -12.22 13.18 -8.72
C GLU A 240 -12.94 13.83 -9.88
N TYR A 241 -12.47 13.49 -11.09
CA TYR A 241 -12.90 13.99 -12.39
C TYR A 241 -12.54 15.46 -12.62
N GLU A 242 -11.93 16.14 -11.65
CA GLU A 242 -11.67 17.57 -11.78
C GLU A 242 -10.55 17.88 -12.77
N VAL A 243 -9.46 17.11 -12.73
CA VAL A 243 -8.29 17.36 -13.58
C VAL A 243 -7.80 16.09 -14.31
N ALA A 244 -8.60 15.05 -14.31
CA ALA A 244 -8.06 13.75 -14.72
C ALA A 244 -9.23 12.76 -14.82
N PRO A 245 -9.04 11.65 -15.56
CA PRO A 245 -10.06 10.61 -15.59
C PRO A 245 -10.32 10.09 -14.19
N GLY A 246 -11.50 9.49 -14.01
CA GLY A 246 -11.95 9.10 -12.68
C GLY A 246 -11.07 8.05 -12.00
N TYR A 247 -10.51 7.12 -12.77
CA TYR A 247 -9.66 6.09 -12.20
C TYR A 247 -8.49 6.70 -11.39
N GLY A 249 -8.57 9.01 -9.15
CA GLY A 249 -8.94 9.33 -7.79
C GLY A 249 -8.80 10.80 -7.52
N VAL A 250 -8.84 11.11 -6.23
CA VAL A 250 -8.46 12.42 -5.70
C VAL A 250 -6.96 12.60 -5.90
N THR A 251 -6.56 13.68 -6.58
CA THR A 251 -5.15 13.95 -6.78
C THR A 251 -4.72 15.21 -6.02
N GLU A 252 -3.47 15.19 -5.55
CA GLU A 252 -2.95 16.32 -4.80
C GLU A 252 -1.51 16.62 -5.20
N PHE A 253 -1.11 17.84 -4.88
CA PHE A 253 0.18 18.36 -5.28
C PHE A 253 0.74 19.17 -4.12
N THR A 254 1.92 18.78 -3.68
CA THR A 254 2.71 19.57 -2.76
C THR A 254 3.48 20.62 -3.57
N ILE A 255 3.26 21.89 -3.23
CA ILE A 255 3.93 23.02 -3.88
C ILE A 255 5.23 23.28 -3.12
N PRO A 256 6.40 23.03 -3.70
CA PRO A 256 7.65 23.28 -2.96
C PRO A 256 7.74 24.72 -2.50
N THR A 257 8.28 24.91 -1.31
CA THR A 257 8.27 26.28 -0.77
C THR A 257 9.18 27.19 -1.56
N GLY A 258 10.27 26.65 -2.10
CA GLY A 258 11.19 27.42 -2.93
C GLY A 258 10.55 27.99 -4.18
N VAL A 259 9.37 27.51 -4.55
CA VAL A 259 8.66 28.02 -5.73
C VAL A 259 7.82 29.27 -5.40
N ILE A 260 7.33 29.40 -4.17
CA ILE A 260 6.35 30.43 -3.82
C ILE A 260 6.81 31.31 -2.67
N SER A 261 8.03 31.10 -2.15
CA SER A 261 8.42 31.66 -0.84
C SER A 261 8.28 33.19 -0.80
N ASN A 262 8.67 33.88 -1.88
CA ASN A 262 8.59 35.33 -1.91
C ASN A 262 7.20 35.87 -2.18
N LEU A 263 6.22 35.02 -2.49
CA LEU A 263 4.82 35.47 -2.51
C LEU A 263 4.13 35.34 -1.15
N LEU A 264 4.75 34.64 -0.20
CA LEU A 264 4.15 34.43 1.11
C LEU A 264 4.16 35.72 1.93
N VAL A 265 3.12 35.89 2.76
CA VAL A 265 3.11 37.00 3.69
C VAL A 265 4.25 36.86 4.66
N GLY A 266 4.50 35.64 5.10
CA GLY A 266 5.52 35.39 6.09
C GLY A 266 5.83 33.93 6.15
N GLU A 267 6.41 33.50 7.27
CA GLU A 267 6.70 32.08 7.42
C GLU A 267 5.98 31.48 8.62
N ARG A 268 4.89 32.06 9.06
CA ARG A 268 4.19 31.41 10.16
C ARG A 268 3.62 30.07 9.71
N TYR A 269 3.10 29.99 8.50
CA TYR A 269 2.38 28.80 8.06
C TYR A 269 3.16 27.94 7.09
N ILE A 270 3.71 28.51 6.02
CA ILE A 270 4.46 27.76 5.00
C ILE A 270 5.94 28.09 5.13
N ARG A 271 6.79 27.07 5.19
CA ARG A 271 8.25 27.30 5.28
C ARG A 271 9.03 26.07 4.86
N LYS B 2 -5.38 -3.29 -21.31
CA LYS B 2 -5.09 -2.66 -22.63
C LYS B 2 -5.74 -1.29 -22.73
N VAL B 3 -5.18 -0.46 -23.59
CA VAL B 3 -5.69 0.90 -23.82
C VAL B 3 -6.22 0.94 -25.25
N PHE B 4 -7.54 0.97 -25.37
CA PHE B 4 -8.19 1.14 -26.67
C PHE B 4 -7.85 2.47 -27.29
N GLY B 5 -7.65 2.44 -28.61
CA GLY B 5 -7.78 3.64 -29.40
C GLY B 5 -9.23 4.07 -29.43
N ARG B 6 -9.47 5.35 -29.69
CA ARG B 6 -10.82 5.87 -29.60
C ARG B 6 -11.74 5.16 -30.58
N CYS B 7 -11.39 5.21 -31.87
CA CYS B 7 -12.23 4.58 -32.89
C CYS B 7 -12.35 3.08 -32.63
N GLU B 8 -11.26 2.46 -32.18
CA GLU B 8 -11.26 1.01 -31.92
C GLU B 8 -12.30 0.67 -30.87
N LEU B 9 -12.47 1.51 -29.87
CA LEU B 9 -13.50 1.27 -28.86
C LEU B 9 -14.91 1.50 -29.43
N ALA B 10 -15.09 2.51 -30.27
CA ALA B 10 -16.39 2.71 -30.91
C ALA B 10 -16.80 1.48 -31.70
N ALA B 11 -15.93 1.04 -32.60
CA ALA B 11 -16.17 -0.19 -33.34
C ALA B 11 -16.53 -1.33 -32.41
N ALA B 12 -15.86 -1.46 -31.26
CA ALA B 12 -16.15 -2.61 -30.40
C ALA B 12 -17.46 -2.46 -29.66
N MET B 13 -17.76 -1.24 -29.22
CA MET B 13 -19.03 -1.02 -28.53
C MET B 13 -20.20 -1.15 -29.49
N LYS B 14 -19.99 -0.80 -30.77
CA LYS B 14 -21.03 -1.01 -31.76
C LYS B 14 -21.39 -2.49 -31.87
N ARG B 15 -20.38 -3.35 -32.05
CA ARG B 15 -20.67 -4.79 -32.07
C ARG B 15 -21.50 -5.21 -30.87
N HIS B 16 -21.18 -4.69 -29.70
CA HIS B 16 -21.88 -5.15 -28.51
C HIS B 16 -23.22 -4.44 -28.32
N GLY B 17 -23.69 -3.75 -29.35
CA GLY B 17 -25.06 -3.26 -29.35
C GLY B 17 -25.30 -2.08 -28.44
N LEU B 18 -24.30 -1.24 -28.21
CA LEU B 18 -24.49 -0.06 -27.37
C LEU B 18 -24.97 1.16 -28.14
N ASP B 19 -24.76 1.22 -29.47
CA ASP B 19 -25.38 2.26 -30.27
C ASP B 19 -26.89 2.29 -30.02
N ASN B 20 -27.38 3.40 -29.48
CA ASN B 20 -28.80 3.68 -29.24
C ASN B 20 -29.46 2.65 -28.32
N TYR B 21 -28.67 2.06 -27.42
CA TYR B 21 -29.21 1.19 -26.37
C TYR B 21 -29.89 2.04 -25.31
N ARG B 22 -31.11 1.66 -24.94
CA ARG B 22 -31.98 2.50 -24.11
C ARG B 22 -31.86 3.97 -24.50
N GLY B 23 -31.65 4.22 -25.79
CA GLY B 23 -31.76 5.55 -26.35
C GLY B 23 -30.47 6.32 -26.47
N TYR B 24 -29.36 5.78 -26.02
CA TYR B 24 -28.13 6.53 -25.94
C TYR B 24 -27.23 6.20 -27.14
N SER B 25 -26.97 7.19 -27.99
CA SER B 25 -26.12 7.03 -29.16
C SER B 25 -24.66 6.70 -28.77
N LEU B 26 -23.95 6.05 -29.71
CA LEU B 26 -22.65 5.46 -29.42
C LEU B 26 -21.68 6.47 -28.79
N GLY B 27 -21.66 7.71 -29.28
CA GLY B 27 -20.76 8.71 -28.71
C GLY B 27 -20.83 8.82 -27.20
N ASN B 28 -22.01 8.63 -26.60
CA ASN B 28 -22.13 8.75 -25.15
C ASN B 28 -21.32 7.68 -24.44
N TRP B 29 -21.36 6.44 -24.95
CA TRP B 29 -20.68 5.35 -24.29
C TRP B 29 -19.17 5.47 -24.40
N VAL B 30 -18.69 6.01 -25.51
CA VAL B 30 -17.27 6.29 -25.66
C VAL B 30 -16.87 7.44 -24.76
N CYS B 31 -17.67 8.53 -24.78
CA CYS B 31 -17.32 9.68 -23.97
C CYS B 31 -17.25 9.26 -22.51
N ALA B 32 -18.23 8.49 -22.07
CA ALA B 32 -18.24 7.97 -20.73
C ALA B 32 -16.92 7.26 -20.39
N ALA B 33 -16.50 6.33 -21.27
CA ALA B 33 -15.28 5.59 -21.04
C ALA B 33 -14.06 6.52 -20.99
N LYS B 34 -14.05 7.57 -21.82
CA LYS B 34 -12.89 8.45 -21.85
C LYS B 34 -12.62 8.99 -20.46
N PHE B 35 -13.66 9.49 -19.80
CA PHE B 35 -13.54 10.22 -18.55
C PHE B 35 -13.65 9.33 -17.33
N GLU B 36 -13.93 8.04 -17.52
CA GLU B 36 -13.77 7.10 -16.43
C GLU B 36 -12.35 6.55 -16.39
N SER B 37 -11.83 6.07 -17.53
CA SER B 37 -10.66 5.21 -17.56
C SER B 37 -9.62 5.58 -18.60
N ASN B 38 -9.83 6.67 -19.32
CA ASN B 38 -9.01 7.02 -20.48
C ASN B 38 -8.83 5.83 -21.44
N PHE B 39 -9.86 4.99 -21.56
CA PHE B 39 -9.84 3.82 -22.45
C PHE B 39 -8.97 2.66 -21.93
N ASN B 40 -8.63 2.64 -20.64
CA ASN B 40 -7.74 1.63 -20.10
C ASN B 40 -8.58 0.54 -19.45
N THR B 41 -8.60 -0.66 -20.05
CA THR B 41 -9.38 -1.75 -19.49
C THR B 41 -8.94 -2.19 -18.09
N GLN B 42 -7.69 -1.92 -17.68
CA GLN B 42 -7.21 -2.41 -16.39
C GLN B 42 -7.28 -1.39 -15.29
N ALA B 43 -7.83 -0.20 -15.56
CA ALA B 43 -7.86 0.86 -14.55
C ALA B 43 -8.66 0.42 -13.33
N THR B 44 -8.16 0.77 -12.16
CA THR B 44 -8.71 0.47 -10.86
C THR B 44 -8.58 1.72 -10.01
N ASN B 45 -9.56 1.99 -9.16
CA ASN B 45 -9.52 3.14 -8.25
C ASN B 45 -10.18 2.76 -6.93
N ARG B 46 -9.42 2.76 -5.84
CA ARG B 46 -9.96 2.48 -4.51
C ARG B 46 -10.40 3.76 -3.78
N ASN B 47 -11.55 3.69 -3.11
CA ASN B 47 -12.19 4.86 -2.53
C ASN B 47 -12.27 4.74 -1.01
N THR B 48 -12.66 5.85 -0.38
CA THR B 48 -12.68 6.00 1.08
C THR B 48 -13.53 4.93 1.76
N ASP B 49 -14.60 4.49 1.11
CA ASP B 49 -15.55 3.60 1.74
C ASP B 49 -15.13 2.14 1.62
N GLY B 50 -13.99 1.87 1.00
CA GLY B 50 -13.52 0.51 0.83
C GLY B 50 -13.88 -0.13 -0.49
N SER B 51 -14.82 0.47 -1.22
CA SER B 51 -15.17 0.04 -2.57
C SER B 51 -14.03 0.32 -3.57
N THR B 52 -14.16 -0.29 -4.76
CA THR B 52 -13.27 -0.05 -5.89
C THR B 52 -14.06 0.09 -7.18
N ASP B 53 -13.63 1.04 -8.03
CA ASP B 53 -14.07 1.16 -9.41
C ASP B 53 -13.18 0.31 -10.31
N TYR B 54 -13.81 -0.49 -11.20
CA TYR B 54 -13.13 -1.47 -12.04
C TYR B 54 -13.35 -1.22 -13.53
N GLY B 55 -12.27 -1.13 -14.28
CA GLY B 55 -12.36 -1.32 -15.69
C GLY B 55 -12.63 -0.04 -16.45
N ILE B 56 -12.87 -0.27 -17.75
CA ILE B 56 -13.05 0.75 -18.76
C ILE B 56 -14.24 1.68 -18.46
N LEU B 57 -15.21 1.21 -17.69
CA LEU B 57 -16.33 2.04 -17.23
C LEU B 57 -16.33 2.24 -15.72
N GLN B 58 -15.29 1.77 -15.03
CA GLN B 58 -15.16 2.07 -13.60
C GLN B 58 -16.40 1.66 -12.80
N ILE B 59 -16.94 0.47 -13.11
CA ILE B 59 -18.05 -0.09 -12.34
C ILE B 59 -17.61 -0.35 -10.91
N ASN B 60 -18.44 -0.02 -9.94
CA ASN B 60 -18.05 0.00 -8.53
C ASN B 60 -18.61 -1.18 -7.76
N SER B 61 -17.81 -1.69 -6.81
CA SER B 61 -18.12 -2.95 -6.12
C SER B 61 -19.20 -2.80 -5.04
N ARG B 62 -19.50 -1.59 -4.56
CA ARG B 62 -20.61 -1.40 -3.63
C ARG B 62 -21.94 -1.98 -4.16
N TRP B 63 -22.21 -1.85 -5.46
CA TRP B 63 -23.48 -2.27 -6.02
C TRP B 63 -23.37 -3.45 -6.99
N TRP B 64 -22.35 -3.49 -7.86
CA TRP B 64 -22.50 -4.17 -9.16
C TRP B 64 -21.68 -5.42 -9.36
N CYS B 65 -20.67 -5.68 -8.54
CA CYS B 65 -19.82 -6.84 -8.77
C CYS B 65 -19.25 -7.23 -7.44
N ASN B 66 -18.70 -8.44 -7.38
CA ASN B 66 -18.13 -8.94 -6.13
C ASN B 66 -16.61 -8.97 -6.22
N ASP B 67 -15.96 -8.35 -5.24
CA ASP B 67 -14.51 -8.40 -5.12
C ASP B 67 -14.12 -8.92 -3.75
N GLY B 68 -15.07 -9.42 -2.98
CA GLY B 68 -14.79 -10.00 -1.68
C GLY B 68 -14.18 -9.11 -0.61
N ARG B 69 -13.99 -7.81 -0.89
CA ARG B 69 -13.35 -6.90 0.08
C ARG B 69 -14.13 -5.61 0.28
N THR B 70 -15.42 -5.59 -0.08
CA THR B 70 -16.28 -4.42 0.12
C THR B 70 -17.36 -4.85 1.09
N PRO B 71 -17.11 -4.78 2.39
CA PRO B 71 -18.10 -5.29 3.34
C PRO B 71 -19.46 -4.66 3.07
N GLY B 72 -20.48 -5.51 3.01
CA GLY B 72 -21.85 -5.03 2.98
C GLY B 72 -22.40 -4.68 1.62
N SER B 73 -21.69 -5.01 0.54
CA SER B 73 -22.08 -4.67 -0.82
C SER B 73 -22.95 -5.75 -1.44
N ARG B 74 -23.57 -5.41 -2.57
CA ARG B 74 -24.36 -6.33 -3.37
C ARG B 74 -23.54 -6.68 -4.60
N ASN B 75 -24.12 -7.47 -5.48
CA ASN B 75 -23.39 -7.96 -6.65
C ASN B 75 -24.42 -8.10 -7.76
N LEU B 76 -25.02 -6.95 -8.14
CA LEU B 76 -26.19 -6.97 -8.99
C LEU B 76 -25.91 -7.53 -10.38
N CYS B 77 -24.74 -7.32 -10.94
CA CYS B 77 -24.41 -7.92 -12.25
C CYS B 77 -23.98 -9.37 -12.09
N ASN B 78 -23.97 -9.89 -10.87
CA ASN B 78 -23.52 -11.24 -10.50
C ASN B 78 -22.30 -11.65 -11.33
N ILE B 79 -21.15 -11.04 -11.02
CA ILE B 79 -19.86 -11.34 -11.65
C ILE B 79 -18.77 -11.05 -10.64
N PRO B 80 -17.63 -11.72 -10.72
CA PRO B 80 -16.48 -11.27 -9.96
C PRO B 80 -16.03 -9.94 -10.54
N CYS B 81 -15.56 -9.05 -9.67
CA CYS B 81 -15.11 -7.75 -10.17
C CYS B 81 -13.99 -7.91 -11.19
N SER B 82 -13.05 -8.83 -10.92
CA SER B 82 -12.03 -9.24 -11.89
C SER B 82 -12.50 -9.37 -13.34
N ALA B 83 -13.74 -9.82 -13.57
CA ALA B 83 -14.18 -9.92 -14.97
C ALA B 83 -14.30 -8.56 -15.65
N LEU B 84 -14.35 -7.47 -14.91
CA LEU B 84 -14.46 -6.16 -15.55
C LEU B 84 -13.11 -5.59 -15.97
N LEU B 85 -12.01 -6.31 -15.69
CA LEU B 85 -10.66 -5.87 -16.05
C LEU B 85 -10.08 -6.59 -17.28
N SER B 86 -10.89 -7.21 -18.12
CA SER B 86 -10.36 -7.93 -19.26
C SER B 86 -10.15 -7.01 -20.45
N SER B 87 -9.38 -7.52 -21.42
CA SER B 87 -9.19 -6.81 -22.66
C SER B 87 -10.38 -6.98 -23.59
N ASP B 88 -11.15 -8.04 -23.38
CA ASP B 88 -12.45 -8.14 -24.02
C ASP B 88 -13.42 -7.34 -23.18
N ILE B 89 -14.18 -6.46 -23.83
CA ILE B 89 -15.12 -5.58 -23.13
C ILE B 89 -16.46 -6.21 -22.80
N THR B 90 -16.73 -7.44 -23.27
CA THR B 90 -18.03 -8.08 -23.14
C THR B 90 -18.60 -7.93 -21.74
N ALA B 91 -17.80 -8.24 -20.73
CA ALA B 91 -18.36 -8.31 -19.38
C ALA B 91 -18.75 -6.91 -18.88
N SER B 92 -18.00 -5.88 -19.29
CA SER B 92 -18.27 -4.53 -18.83
C SER B 92 -19.49 -3.96 -19.54
N VAL B 93 -19.64 -4.27 -20.84
CA VAL B 93 -20.83 -3.86 -21.58
C VAL B 93 -22.07 -4.49 -20.96
N ASN B 94 -22.00 -5.77 -20.63
CA ASN B 94 -23.20 -6.44 -20.14
C ASN B 94 -23.63 -5.87 -18.78
N CYS B 95 -22.68 -5.51 -17.93
CA CYS B 95 -23.01 -4.88 -16.64
C CYS B 95 -23.47 -3.43 -16.84
N ALA B 96 -22.81 -2.72 -17.74
CA ALA B 96 -23.24 -1.36 -18.06
C ALA B 96 -24.68 -1.32 -18.55
N LYS B 97 -25.10 -2.37 -19.29
CA LYS B 97 -26.45 -2.44 -19.83
C LYS B 97 -27.46 -2.58 -18.72
N LYS B 98 -27.20 -3.44 -17.73
CA LYS B 98 -28.02 -3.45 -16.53
C LYS B 98 -28.00 -2.10 -15.79
N ILE B 99 -26.84 -1.44 -15.72
CA ILE B 99 -26.75 -0.23 -14.90
C ILE B 99 -27.62 0.87 -15.48
N VAL B 100 -27.57 1.07 -16.80
CA VAL B 100 -28.44 2.06 -17.40
C VAL B 100 -29.91 1.73 -17.30
N SER B 101 -30.26 0.50 -16.96
CA SER B 101 -31.65 0.10 -16.77
C SER B 101 -32.07 0.12 -15.31
N ASP B 102 -31.15 0.47 -14.41
CA ASP B 102 -31.43 0.50 -12.97
C ASP B 102 -32.41 1.60 -12.59
N GLY B 103 -32.65 2.57 -13.48
CA GLY B 103 -33.67 3.57 -13.25
C GLY B 103 -33.25 5.01 -13.44
N ASN B 104 -31.99 5.27 -13.85
CA ASN B 104 -31.50 6.64 -13.93
C ASN B 104 -30.84 6.95 -15.26
N GLY B 105 -30.91 6.05 -16.22
CA GLY B 105 -30.26 6.30 -17.49
C GLY B 105 -28.76 6.33 -17.29
N MET B 106 -28.11 6.96 -18.25
CA MET B 106 -26.67 7.12 -18.10
C MET B 106 -26.29 8.09 -17.01
N ASN B 107 -27.26 8.70 -16.32
CA ASN B 107 -26.94 9.60 -15.21
C ASN B 107 -26.25 8.89 -14.05
N ALA B 108 -26.31 7.55 -13.97
CA ALA B 108 -25.63 6.80 -12.90
C ALA B 108 -24.11 6.94 -12.95
N TRP B 109 -23.58 7.48 -14.05
CA TRP B 109 -22.17 7.83 -14.19
C TRP B 109 -22.03 9.34 -14.05
N VAL B 110 -21.31 9.77 -13.01
CA VAL B 110 -21.02 11.19 -12.83
C VAL B 110 -20.17 11.71 -13.98
N ALA B 111 -19.22 10.90 -14.44
CA ALA B 111 -18.38 11.31 -15.57
C ALA B 111 -19.23 11.72 -16.75
N TRP B 112 -20.18 10.87 -17.14
CA TRP B 112 -21.06 11.22 -18.23
C TRP B 112 -21.80 12.53 -17.96
N ARG B 113 -22.40 12.66 -16.77
CA ARG B 113 -23.17 13.85 -16.42
C ARG B 113 -22.38 15.12 -16.64
N ASN B 114 -21.10 15.10 -16.22
CA ASN B 114 -20.32 16.33 -16.08
C ASN B 114 -19.41 16.63 -17.26
N ARG B 115 -19.13 15.67 -18.13
CA ARG B 115 -18.24 15.87 -19.26
C ARG B 115 -18.88 15.52 -20.59
N CYS B 116 -19.99 14.81 -20.59
CA CYS B 116 -20.58 14.27 -21.81
C CYS B 116 -21.98 14.81 -22.06
N LYS B 117 -22.87 14.71 -21.09
CA LYS B 117 -24.24 15.19 -21.24
C LYS B 117 -24.27 16.60 -21.81
N GLY B 118 -25.22 16.84 -22.73
CA GLY B 118 -25.45 18.16 -23.30
C GLY B 118 -24.32 18.71 -24.14
N THR B 119 -23.35 17.88 -24.49
CA THR B 119 -22.29 18.24 -25.40
C THR B 119 -22.57 17.56 -26.74
N ASP B 120 -21.66 17.76 -27.68
CA ASP B 120 -21.77 17.16 -29.00
C ASP B 120 -21.11 15.81 -28.97
N VAL B 121 -21.84 14.81 -28.49
CA VAL B 121 -21.15 13.58 -28.17
C VAL B 121 -20.90 12.74 -29.40
N GLN B 122 -21.57 13.02 -30.53
CA GLN B 122 -21.24 12.32 -31.76
C GLN B 122 -19.77 12.52 -32.14
N ALA B 123 -19.14 13.59 -31.64
CA ALA B 123 -17.73 13.85 -31.92
C ALA B 123 -16.82 12.70 -31.48
N TRP B 124 -17.20 11.98 -30.44
CA TRP B 124 -16.36 10.85 -30.04
C TRP B 124 -16.38 9.76 -31.08
N ILE B 125 -17.29 9.83 -32.04
CA ILE B 125 -17.37 8.92 -33.16
C ILE B 125 -16.74 9.48 -34.42
N ARG B 126 -16.47 10.78 -34.45
CA ARG B 126 -16.11 11.40 -35.72
C ARG B 126 -14.76 10.90 -36.19
N GLY B 127 -14.63 10.75 -37.50
CA GLY B 127 -13.44 10.20 -38.07
C GLY B 127 -13.40 8.70 -38.09
N CYS B 128 -14.35 8.04 -37.44
CA CYS B 128 -14.32 6.59 -37.39
C CYS B 128 -15.10 6.01 -38.56
N ARG B 129 -14.83 4.73 -38.82
CA ARG B 129 -15.37 4.00 -39.93
C ARG B 129 -16.16 2.83 -39.37
N LEU B 130 -17.43 3.06 -39.08
CA LEU B 130 -18.24 1.97 -38.54
C LEU B 130 -19.21 1.40 -39.60
N LYS C 61 4.31 -32.56 -20.75
CA LYS C 61 5.38 -32.95 -19.80
C LYS C 61 5.31 -32.17 -18.48
N ILE C 62 5.34 -32.86 -17.36
CA ILE C 62 5.21 -32.19 -16.06
C ILE C 62 6.53 -31.49 -15.74
N VAL C 63 6.45 -30.21 -15.36
CA VAL C 63 7.59 -29.45 -14.87
C VAL C 63 7.39 -29.31 -13.39
N LYS C 64 8.47 -29.51 -12.63
CA LYS C 64 8.40 -30.12 -11.31
C LYS C 64 9.65 -29.75 -10.54
N ALA C 65 9.50 -29.43 -9.25
CA ALA C 65 10.63 -29.31 -8.34
C ALA C 65 10.75 -30.59 -7.50
N ILE C 66 11.96 -31.13 -7.41
CA ILE C 66 12.24 -32.32 -6.61
C ILE C 66 13.48 -32.05 -5.76
N THR C 67 13.70 -32.90 -4.76
CA THR C 67 14.84 -32.75 -3.86
C THR C 67 16.02 -33.55 -4.41
N PHE C 68 17.08 -32.82 -4.80
CA PHE C 68 18.24 -33.44 -5.43
C PHE C 68 19.10 -34.16 -4.41
N ILE C 69 19.39 -33.49 -3.28
CA ILE C 69 20.14 -34.07 -2.17
C ILE C 69 19.65 -33.40 -0.89
N GLU C 70 19.81 -34.12 0.22
CA GLU C 70 19.27 -33.72 1.52
C GLU C 70 20.31 -33.99 2.61
N ILE C 71 20.90 -32.89 3.16
CA ILE C 71 21.85 -32.86 4.28
C ILE C 71 21.09 -32.69 5.60
N LYS C 72 21.47 -33.46 6.62
CA LYS C 72 20.93 -33.26 7.97
C LYS C 72 21.97 -33.74 8.96
N GLU C 73 22.46 -32.82 9.81
CA GLU C 73 23.45 -33.13 10.83
C GLU C 73 23.28 -32.20 12.02
N GLU C 74 23.59 -32.75 13.20
CA GLU C 74 23.43 -32.06 14.48
C GLU C 74 24.70 -32.32 15.29
N LYS C 75 25.47 -31.26 15.52
CA LYS C 75 26.44 -31.20 16.61
C LYS C 75 25.79 -30.56 17.85
N ASP C 76 26.55 -30.46 18.93
CA ASP C 76 26.00 -29.81 20.13
C ASP C 76 25.91 -28.31 19.91
N GLN C 77 26.87 -27.77 19.16
CA GLN C 77 26.97 -26.36 18.87
C GLN C 77 26.38 -25.96 17.53
N SER C 78 26.11 -26.91 16.63
CA SER C 78 25.77 -26.59 15.25
C SER C 78 24.65 -27.48 14.76
N SER C 79 24.14 -27.15 13.58
CA SER C 79 23.19 -28.02 12.89
C SER C 79 22.92 -27.47 11.50
N ILE C 80 22.58 -28.37 10.61
CA ILE C 80 22.27 -28.04 9.23
C ILE C 80 21.14 -28.96 8.79
N ASP C 81 20.16 -28.39 8.09
CA ASP C 81 19.01 -29.16 7.60
C ASP C 81 18.64 -28.52 6.26
N VAL C 82 19.29 -29.01 5.20
CA VAL C 82 19.27 -28.41 3.87
C VAL C 82 18.73 -29.42 2.86
N LYS C 83 17.60 -29.10 2.25
CA LYS C 83 17.20 -29.73 1.01
C LYS C 83 17.63 -28.83 -0.16
N THR C 84 18.26 -29.46 -1.17
CA THR C 84 18.72 -28.79 -2.37
C THR C 84 17.72 -29.08 -3.47
N PRO C 85 16.95 -28.12 -3.96
CA PRO C 85 15.97 -28.40 -5.03
C PRO C 85 16.61 -28.59 -6.41
N ALA C 86 15.88 -29.32 -7.27
CA ALA C 86 16.23 -29.42 -8.67
C ALA C 86 14.96 -29.39 -9.51
N LEU C 87 15.13 -28.88 -10.72
CA LEU C 87 14.06 -28.78 -11.70
C LEU C 87 14.11 -29.96 -12.65
N SER C 88 12.94 -30.54 -12.91
CA SER C 88 12.76 -31.65 -13.85
C SER C 88 11.58 -31.38 -14.77
N GLY C 89 11.72 -31.75 -16.05
CA GLY C 89 10.63 -31.70 -17.00
C GLY C 89 10.83 -30.69 -18.11
N LEU C 90 11.85 -29.86 -18.03
CA LEU C 90 12.03 -28.79 -18.99
C LEU C 90 12.59 -29.37 -20.27
N SER C 91 12.21 -28.75 -21.39
CA SER C 91 12.68 -29.24 -22.69
C SER C 91 14.04 -28.68 -23.03
N ASN C 92 14.32 -27.47 -22.56
CA ASN C 92 15.60 -26.83 -22.82
C ASN C 92 16.56 -27.26 -21.72
N LYS C 93 17.36 -28.30 -22.00
CA LYS C 93 18.17 -28.91 -20.96
C LYS C 93 19.28 -27.98 -20.52
N GLU C 94 19.77 -27.11 -21.39
CA GLU C 94 20.78 -26.17 -20.95
C GLU C 94 20.23 -25.24 -19.87
N LEU C 95 18.99 -24.82 -20.02
CA LEU C 95 18.42 -23.92 -19.04
C LEU C 95 18.19 -24.68 -17.72
N GLU C 96 17.66 -25.90 -17.80
CA GLU C 96 17.42 -26.71 -16.62
C GLU C 96 18.72 -26.89 -15.81
N ASN C 97 19.85 -27.06 -16.49
CA ASN C 97 21.10 -27.37 -15.80
C ASN C 97 21.68 -26.15 -15.09
N SER C 98 21.68 -25.01 -15.77
CA SER C 98 22.21 -23.81 -15.14
C SER C 98 21.39 -23.46 -13.90
N ILE C 99 20.08 -23.71 -13.96
CA ILE C 99 19.20 -23.53 -12.80
C ILE C 99 19.55 -24.53 -11.70
N ASN C 100 19.81 -25.78 -12.08
CA ASN C 100 20.11 -26.76 -11.03
C ASN C 100 21.51 -26.56 -10.51
N GLU C 101 22.44 -26.13 -11.35
CA GLU C 101 23.78 -25.83 -10.84
C GLU C 101 23.77 -24.60 -9.95
N LYS C 102 22.92 -23.61 -10.23
CA LYS C 102 22.87 -22.48 -9.32
C LYS C 102 22.34 -22.94 -7.97
N TYR C 103 21.30 -23.75 -7.95
CA TYR C 103 20.80 -24.28 -6.68
C TYR C 103 21.88 -25.08 -5.96
N LEU C 104 22.65 -25.87 -6.69
CA LEU C 104 23.66 -26.71 -6.05
C LEU C 104 24.77 -25.87 -5.44
N LYS C 105 25.32 -24.92 -6.22
CA LYS C 105 26.35 -24.02 -5.71
C LYS C 105 25.89 -23.31 -4.44
N GLU C 106 24.60 -22.93 -4.38
CA GLU C 106 24.06 -22.34 -3.16
C GLU C 106 24.17 -23.31 -1.98
N SER C 107 23.72 -24.56 -2.16
CA SER C 107 23.90 -25.56 -1.10
C SER C 107 25.37 -25.73 -0.78
N GLN C 108 26.24 -25.69 -1.80
CA GLN C 108 27.68 -25.80 -1.55
C GLN C 108 28.15 -24.71 -0.59
N GLN C 109 27.80 -23.46 -0.89
CA GLN C 109 28.14 -22.34 0.00
C GLN C 109 27.64 -22.61 1.43
N LEU C 110 26.35 -22.92 1.58
CA LEU C 110 25.77 -23.16 2.89
C LEU C 110 26.51 -24.25 3.67
N TYR C 111 26.99 -25.26 2.98
CA TYR C 111 27.63 -26.34 3.73
C TYR C 111 29.02 -25.91 4.19
N LYS C 112 29.69 -25.14 3.35
CA LYS C 112 30.94 -24.53 3.74
C LYS C 112 30.80 -23.82 5.08
N GLU C 113 29.73 -23.05 5.26
CA GLU C 113 29.56 -22.30 6.49
C GLU C 113 29.45 -23.24 7.69
N PHE C 114 28.44 -24.11 7.70
CA PHE C 114 28.32 -25.12 8.77
C PHE C 114 29.69 -25.70 9.17
N ILE C 115 30.54 -26.00 8.17
CA ILE C 115 31.82 -26.68 8.44
C ILE C 115 32.76 -25.77 9.23
N GLN C 116 33.00 -24.55 8.74
CA GLN C 116 33.90 -23.64 9.42
C GLN C 116 33.55 -23.56 10.93
N SER C 117 32.28 -23.33 11.24
CA SER C 117 31.83 -23.47 12.62
C SER C 117 32.04 -24.90 13.13
N GLY C 124 30.10 -19.55 18.33
CA GLY C 124 28.90 -19.71 19.16
C GLY C 124 27.92 -20.84 18.77
N HIS C 125 26.61 -20.66 18.99
CA HIS C 125 25.58 -21.58 18.49
C HIS C 125 25.02 -21.11 17.13
N LEU C 126 24.72 -22.05 16.24
CA LEU C 126 24.35 -21.71 14.88
C LEU C 126 23.60 -22.86 14.22
N SER C 127 22.44 -22.55 13.69
CA SER C 127 21.61 -23.47 12.91
C SER C 127 21.35 -22.90 11.51
N ILE C 128 21.44 -23.78 10.50
CA ILE C 128 21.25 -23.43 9.10
C ILE C 128 20.23 -24.37 8.48
N TYR C 129 19.21 -23.81 7.86
CA TYR C 129 18.04 -24.56 7.39
C TYR C 129 17.65 -24.08 6.00
N SER C 130 17.16 -25.01 5.17
CA SER C 130 16.70 -24.65 3.83
C SER C 130 15.76 -25.72 3.29
N ASP C 131 14.57 -25.28 2.89
CA ASP C 131 13.55 -26.04 2.20
C ASP C 131 13.10 -25.20 1.01
N TYR C 132 12.09 -25.68 0.29
CA TYR C 132 11.58 -24.97 -0.88
C TYR C 132 10.11 -25.35 -1.04
N GLU C 133 9.37 -24.54 -1.79
CA GLU C 133 8.00 -24.91 -2.11
C GLU C 133 7.58 -24.34 -3.45
N THR C 134 6.71 -25.09 -4.15
CA THR C 134 6.10 -24.67 -5.41
C THR C 134 4.94 -23.75 -5.04
N VAL C 135 5.07 -22.46 -5.35
CA VAL C 135 4.02 -21.50 -4.97
C VAL C 135 3.08 -21.23 -6.13
N THR C 136 3.54 -21.43 -7.36
CA THR C 136 2.71 -21.27 -8.55
C THR C 136 2.99 -22.43 -9.48
N ASP C 137 1.93 -23.12 -9.94
CA ASP C 137 2.05 -24.32 -10.78
C ASP C 137 0.78 -24.39 -11.62
N THR C 138 0.91 -23.94 -12.87
CA THR C 138 -0.18 -23.84 -13.84
C THR C 138 0.39 -24.36 -15.14
N PRO C 139 -0.44 -24.61 -16.14
CA PRO C 139 0.11 -25.09 -17.41
C PRO C 139 1.24 -24.22 -17.94
N ASP C 140 1.14 -22.91 -17.75
CA ASP C 140 2.07 -22.00 -18.35
C ASP C 140 3.13 -21.45 -17.39
N LEU C 141 2.97 -21.59 -16.08
CA LEU C 141 3.88 -20.90 -15.17
C LEU C 141 4.31 -21.81 -14.04
N LEU C 142 5.57 -21.72 -13.66
CA LEU C 142 6.05 -22.35 -12.44
C LEU C 142 6.90 -21.37 -11.65
N SER C 143 6.62 -21.29 -10.37
CA SER C 143 7.36 -20.40 -9.48
C SER C 143 7.73 -21.20 -8.24
N ILE C 144 9.01 -21.19 -7.89
CA ILE C 144 9.52 -21.94 -6.75
C ILE C 144 10.14 -20.98 -5.75
N ARG C 145 9.78 -21.17 -4.49
CA ARG C 145 10.35 -20.46 -3.35
C ARG C 145 11.43 -21.32 -2.71
N ARG C 146 12.59 -20.70 -2.46
CA ARG C 146 13.64 -21.32 -1.67
C ARG C 146 13.95 -20.45 -0.46
N ASN C 147 13.74 -21.02 0.72
CA ASN C 147 14.02 -20.30 1.95
C ASN C 147 15.38 -20.73 2.52
N ILE C 148 16.13 -19.75 3.01
CA ILE C 148 17.41 -20.03 3.64
C ILE C 148 17.40 -19.33 4.97
N GLU C 149 17.55 -20.10 6.04
CA GLU C 149 17.29 -19.57 7.35
C GLU C 149 18.45 -19.89 8.28
N THR C 150 18.97 -18.83 8.91
CA THR C 150 20.15 -18.89 9.75
C THR C 150 19.77 -18.41 11.15
N THR C 151 20.04 -19.22 12.17
CA THR C 151 19.60 -18.93 13.53
C THR C 151 20.76 -18.95 14.50
N GLN C 152 20.96 -17.83 15.18
CA GLN C 152 21.84 -17.75 16.32
C GLN C 152 20.98 -17.27 17.48
N ALA C 153 21.05 -15.98 17.85
CA ALA C 153 20.15 -15.46 18.87
C ALA C 153 18.70 -15.52 18.38
N SER C 154 18.49 -15.11 17.12
CA SER C 154 17.21 -14.97 16.46
C SER C 154 17.31 -15.66 15.10
N SER C 155 16.18 -15.95 14.51
CA SER C 155 16.18 -16.43 13.13
C SER C 155 16.33 -15.28 12.15
N TYR C 156 16.83 -15.61 10.97
CA TYR C 156 17.02 -14.67 9.88
C TYR C 156 16.64 -15.43 8.60
N THR C 157 15.54 -15.05 7.97
CA THR C 157 15.02 -15.76 6.80
C THR C 157 15.20 -14.94 5.53
N GLN C 158 15.79 -15.58 4.52
CA GLN C 158 15.80 -15.10 3.14
C GLN C 158 14.90 -15.99 2.30
N SER C 159 14.11 -15.34 1.45
CA SER C 159 13.21 -16.04 0.55
C SER C 159 13.53 -15.59 -0.87
N ARG C 160 13.95 -16.54 -1.68
CA ARG C 160 14.28 -16.28 -3.07
C ARG C 160 13.34 -17.07 -3.97
N TYR C 161 13.15 -16.56 -5.16
CA TYR C 161 12.20 -17.18 -6.07
C TYR C 161 12.81 -17.30 -7.45
N ILE C 162 12.35 -18.29 -8.17
CA ILE C 162 12.51 -18.33 -9.62
C ILE C 162 11.12 -18.50 -10.19
N THR C 163 10.92 -17.94 -11.38
CA THR C 163 9.67 -18.07 -12.10
C THR C 163 9.96 -18.46 -13.56
N ILE C 164 9.32 -19.52 -14.02
CA ILE C 164 9.59 -20.09 -15.33
C ILE C 164 8.32 -20.08 -16.18
N ASP C 165 8.46 -19.56 -17.41
CA ASP C 165 7.54 -19.76 -18.53
C ASP C 165 7.70 -21.20 -19.03
N LYS C 166 6.76 -22.06 -18.66
CA LYS C 166 6.85 -23.48 -19.02
C LYS C 166 6.69 -23.69 -20.52
N LYS C 167 5.73 -22.99 -21.14
CA LYS C 167 5.43 -23.20 -22.55
C LYS C 167 6.55 -22.71 -23.47
N ASN C 168 7.46 -21.86 -22.98
CA ASN C 168 8.53 -21.34 -23.82
C ASN C 168 9.93 -21.59 -23.24
N ASP C 169 10.05 -22.42 -22.21
CA ASP C 169 11.33 -22.62 -21.53
C ASP C 169 12.11 -21.30 -21.31
N ILE C 170 11.59 -20.40 -20.46
CA ILE C 170 12.26 -19.11 -20.17
C ILE C 170 12.26 -18.84 -18.67
N LEU C 171 13.39 -18.35 -18.18
CA LEU C 171 13.54 -17.88 -16.81
C LEU C 171 13.24 -16.40 -16.77
N LEU C 172 12.14 -16.01 -16.14
CA LEU C 172 11.79 -14.60 -16.14
C LEU C 172 12.64 -13.80 -15.17
N THR C 173 13.06 -12.61 -15.60
CA THR C 173 13.54 -11.57 -14.72
C THR C 173 12.49 -10.48 -14.52
N LEU C 174 12.64 -9.77 -13.39
CA LEU C 174 11.79 -8.63 -13.13
C LEU C 174 11.80 -7.67 -14.29
N LYS C 175 13.00 -7.28 -14.74
CA LYS C 175 13.10 -6.22 -15.74
C LYS C 175 12.53 -6.67 -17.08
N SER C 176 12.57 -7.97 -17.37
CA SER C 176 12.05 -8.45 -18.66
C SER C 176 10.54 -8.28 -18.79
N LEU C 177 9.82 -8.15 -17.68
CA LEU C 177 8.38 -7.92 -17.74
C LEU C 177 8.02 -6.53 -18.27
N PHE C 178 8.93 -5.56 -18.20
CA PHE C 178 8.64 -4.15 -18.43
C PHE C 178 9.39 -3.55 -19.63
N LYS C 179 8.78 -2.52 -20.23
CA LYS C 179 9.35 -1.84 -21.40
C LYS C 179 10.68 -1.14 -21.07
N ASP C 180 10.81 -0.58 -19.87
CA ASP C 180 12.00 0.20 -19.49
C ASP C 180 12.07 0.28 -17.96
N GLU C 181 13.03 1.05 -17.44
CA GLU C 181 13.41 1.02 -16.03
C GLU C 181 12.48 1.85 -15.12
N ARG C 182 11.47 2.51 -15.68
CA ARG C 182 10.52 3.27 -14.87
C ARG C 182 9.76 2.39 -13.89
N TYR C 183 9.74 1.06 -14.11
CA TYR C 183 9.03 0.17 -13.18
C TYR C 183 9.60 0.26 -11.78
N ILE C 184 10.91 0.54 -11.68
CA ILE C 184 11.58 0.58 -10.39
C ILE C 184 10.93 1.61 -9.47
N LYS C 185 10.79 2.84 -9.96
CA LYS C 185 10.21 3.88 -9.13
C LYS C 185 8.70 3.69 -8.97
N VAL C 186 8.00 3.30 -10.04
CA VAL C 186 6.54 3.12 -9.96
C VAL C 186 6.20 2.07 -8.92
N ILE C 187 6.91 0.94 -8.95
CA ILE C 187 6.62 -0.12 -8.00
C ILE C 187 6.99 0.31 -6.60
N SER C 188 8.13 1.00 -6.49
CA SER C 188 8.62 1.47 -5.19
C SER C 188 7.55 2.34 -4.51
N GLN C 189 7.03 3.34 -5.24
CA GLN C 189 6.12 4.26 -4.62
C GLN C 189 4.84 3.55 -4.25
N ASN C 190 4.43 2.56 -5.04
CA ASN C 190 3.23 1.81 -4.71
C ASN C 190 3.41 1.02 -3.41
N ILE C 191 4.57 0.40 -3.25
CA ILE C 191 4.89 -0.31 -2.02
C ILE C 191 4.88 0.64 -0.82
N LYS C 192 5.42 1.86 -0.99
CA LYS C 192 5.37 2.84 0.09
C LYS C 192 3.94 3.18 0.48
N GLU C 193 3.06 3.37 -0.52
CA GLU C 193 1.62 3.61 -0.25
C GLU C 193 0.97 2.43 0.46
N GLN C 194 1.27 1.19 0.05
CA GLN C 194 0.72 0.03 0.75
C GLN C 194 1.21 -0.06 2.21
N LYS C 196 2.12 2.32 4.19
CA LYS C 196 1.44 3.33 4.98
C LYS C 196 0.03 2.89 5.31
N GLN C 197 -0.68 2.36 4.30
CA GLN C 197 -2.05 1.94 4.53
C GLN C 197 -2.13 0.78 5.52
N GLN C 198 -1.21 -0.19 5.41
CA GLN C 198 -1.21 -1.32 6.34
C GLN C 198 -0.99 -0.84 7.78
N LYS C 200 -1.64 1.98 9.03
CA LYS C 200 -2.83 2.70 9.46
C LYS C 200 -3.93 1.74 9.91
N GLU C 201 -4.10 0.63 9.19
CA GLU C 201 -5.20 -0.29 9.50
C GLU C 201 -4.87 -1.23 10.66
N ASP C 202 -3.60 -1.35 11.06
CA ASP C 202 -3.18 -2.40 11.98
C ASP C 202 -1.95 -1.90 12.71
N PRO C 203 -2.08 -1.46 13.96
CA PRO C 203 -0.91 -0.95 14.67
C PRO C 203 0.08 -2.01 15.07
N ASN C 204 -0.14 -3.29 14.72
CA ASN C 204 0.89 -4.30 14.94
C ASN C 204 1.77 -4.46 13.72
N LYS C 205 1.47 -3.76 12.63
CA LYS C 205 2.37 -3.71 11.48
C LYS C 205 3.28 -2.47 11.58
N ILE C 206 4.59 -2.70 11.43
CA ILE C 206 5.63 -1.65 11.45
C ILE C 206 6.54 -1.90 10.27
N TYR C 207 6.67 -0.90 9.41
CA TYR C 207 7.69 -0.87 8.37
C TYR C 207 8.58 0.34 8.61
N TRP C 208 9.84 0.26 8.17
CA TRP C 208 10.72 1.42 8.23
C TRP C 208 10.43 2.39 7.08
N LEU C 209 9.39 3.21 7.26
CA LEU C 209 8.90 4.09 6.21
C LEU C 209 9.18 5.55 6.50
N THR C 210 8.68 6.06 7.62
CA THR C 210 9.00 7.37 8.16
C THR C 210 9.35 7.33 9.63
N ASP C 211 10.09 6.30 10.06
CA ASP C 211 10.67 6.25 11.41
C ASP C 211 11.87 7.20 11.51
N GLU C 212 11.91 8.06 12.53
CA GLU C 212 12.98 9.06 12.53
C GLU C 212 14.33 8.44 12.86
N ASP C 213 14.32 7.25 13.47
CA ASP C 213 15.56 6.61 13.90
C ASP C 213 16.03 5.49 12.97
N ALA C 214 15.17 4.94 12.13
CA ALA C 214 15.55 3.87 11.22
C ALA C 214 15.68 4.37 9.79
N GLU C 215 16.71 3.90 9.13
CA GLU C 215 16.87 4.04 7.68
C GLU C 215 15.60 3.61 6.96
N PRO C 216 14.95 4.47 6.18
CA PRO C 216 13.71 4.07 5.50
C PRO C 216 13.96 3.23 4.25
N PHE C 217 12.86 2.57 3.83
CA PHE C 217 12.79 1.95 2.53
C PHE C 217 12.69 3.04 1.48
N LYS C 218 13.61 3.02 0.51
CA LYS C 218 13.66 4.01 -0.58
C LYS C 218 13.30 3.41 -1.93
N THR C 219 13.90 2.30 -2.28
CA THR C 219 13.64 1.74 -3.59
C THR C 219 13.85 0.23 -3.57
N ILE C 220 13.08 -0.44 -4.41
CA ILE C 220 13.44 -1.82 -4.77
C ILE C 220 14.70 -1.83 -5.62
N LEU C 221 15.35 -2.99 -5.66
CA LEU C 221 16.49 -3.24 -6.53
C LEU C 221 15.99 -3.54 -7.94
N PRO C 222 16.82 -3.34 -8.96
CA PRO C 222 16.39 -3.66 -10.34
C PRO C 222 16.07 -5.11 -10.53
N ASP C 223 16.71 -5.99 -9.77
CA ASP C 223 16.40 -7.40 -9.80
C ASP C 223 15.81 -7.87 -8.46
N GLN C 224 15.01 -7.01 -7.82
CA GLN C 224 14.36 -7.33 -6.55
C GLN C 224 13.69 -8.69 -6.65
N THR C 225 13.75 -9.45 -5.57
CA THR C 225 13.04 -10.73 -5.54
C THR C 225 11.58 -10.50 -5.90
N PHE C 226 11.08 -11.31 -6.84
CA PHE C 226 9.69 -11.26 -7.24
C PHE C 226 9.19 -12.66 -7.56
N TYR C 227 7.88 -12.79 -7.68
CA TYR C 227 7.33 -13.95 -8.34
C TYR C 227 5.96 -13.61 -8.88
N ILE C 228 5.33 -14.58 -9.57
CA ILE C 228 4.03 -14.39 -10.19
C ILE C 228 3.06 -15.48 -9.75
N THR C 229 1.82 -15.05 -9.42
CA THR C 229 0.82 -15.90 -8.79
C THR C 229 0.04 -16.65 -9.87
N GLU C 230 -0.76 -17.63 -9.43
CA GLU C 230 -1.62 -18.36 -10.36
C GLU C 230 -2.60 -17.44 -11.04
N ASP C 231 -2.91 -16.34 -10.38
CA ASP C 231 -3.81 -15.34 -10.94
C ASP C 231 -3.07 -14.27 -11.72
N HIS C 232 -1.81 -14.51 -12.09
CA HIS C 232 -1.04 -13.58 -12.95
C HIS C 232 -0.82 -12.20 -12.30
N LYS C 233 -0.54 -12.20 -11.00
CA LYS C 233 -0.22 -10.99 -10.30
C LYS C 233 1.26 -10.99 -9.94
N LEU C 234 1.84 -9.80 -9.97
CA LEU C 234 3.24 -9.61 -9.59
C LEU C 234 3.32 -9.35 -8.09
N VAL C 235 4.24 -10.04 -7.44
CA VAL C 235 4.45 -9.97 -6.00
C VAL C 235 5.91 -9.66 -5.82
N ILE C 236 6.21 -8.72 -4.94
CA ILE C 236 7.58 -8.35 -4.59
C ILE C 236 7.84 -8.83 -3.16
N SER C 237 9.00 -9.43 -2.91
CA SER C 237 9.31 -9.97 -1.60
C SER C 237 10.55 -9.32 -1.02
N PHE C 238 10.53 -9.12 0.29
CA PHE C 238 11.63 -8.56 1.05
C PHE C 238 12.03 -9.56 2.14
N ASP C 239 13.32 -9.77 2.29
CA ASP C 239 13.82 -10.63 3.34
C ASP C 239 13.53 -10.03 4.71
N GLU C 240 13.67 -10.83 5.76
CA GLU C 240 13.60 -10.30 7.11
C GLU C 240 14.69 -9.27 7.35
N TYR C 241 14.31 -8.23 8.08
CA TYR C 241 15.12 -7.07 8.50
C TYR C 241 15.37 -6.09 7.36
N GLU C 242 14.94 -6.42 6.15
CA GLU C 242 15.23 -5.58 4.97
C GLU C 242 14.47 -4.26 5.00
N VAL C 243 13.20 -4.27 5.40
CA VAL C 243 12.39 -3.05 5.36
C VAL C 243 11.56 -2.86 6.64
N ALA C 244 11.83 -3.67 7.67
CA ALA C 244 11.00 -3.69 8.86
C ALA C 244 11.76 -4.38 9.98
N PRO C 245 11.32 -4.22 11.22
CA PRO C 245 11.95 -4.99 12.31
C PRO C 245 11.80 -6.49 12.10
N GLY C 246 12.67 -7.23 12.79
CA GLY C 246 12.72 -8.67 12.57
C GLY C 246 11.39 -9.36 12.75
N TYR C 247 10.59 -8.91 13.70
CA TYR C 247 9.39 -9.66 14.05
C TYR C 247 8.36 -9.69 12.91
N GLY C 249 8.96 -10.56 9.96
CA GLY C 249 9.18 -11.69 9.09
C GLY C 249 9.48 -11.19 7.69
N VAL C 250 9.25 -12.13 6.76
CA VAL C 250 9.34 -11.91 5.33
C VAL C 250 8.08 -11.20 4.90
N THR C 251 8.21 -10.07 4.23
CA THR C 251 7.05 -9.32 3.82
C THR C 251 6.94 -9.29 2.32
N GLU C 252 5.67 -9.26 1.87
CA GLU C 252 5.29 -9.43 0.48
C GLU C 252 4.34 -8.31 0.06
N PHE C 253 4.42 -7.91 -1.22
CA PHE C 253 3.51 -6.91 -1.73
C PHE C 253 3.04 -7.35 -3.11
N THR C 254 1.72 -7.49 -3.25
CA THR C 254 1.12 -7.68 -4.57
C THR C 254 0.91 -6.30 -5.19
N ILE C 255 1.45 -6.13 -6.39
CA ILE C 255 1.36 -4.87 -7.12
C ILE C 255 0.13 -4.94 -8.01
N PRO C 256 -0.92 -4.16 -7.74
CA PRO C 256 -2.09 -4.20 -8.60
C PRO C 256 -1.71 -3.98 -10.06
N THR C 257 -2.29 -4.77 -10.95
CA THR C 257 -1.95 -4.61 -12.35
C THR C 257 -2.31 -3.20 -12.87
N GLY C 258 -3.42 -2.63 -12.40
CA GLY C 258 -3.80 -1.30 -12.83
C GLY C 258 -2.76 -0.24 -12.53
N VAL C 259 -1.81 -0.55 -11.68
CA VAL C 259 -0.79 0.41 -11.33
C VAL C 259 0.40 0.38 -12.31
N ILE C 260 0.60 -0.74 -13.01
CA ILE C 260 1.79 -0.94 -13.84
C ILE C 260 1.44 -1.32 -15.27
N SER C 261 0.14 -1.45 -15.60
CA SER C 261 -0.24 -2.14 -16.84
C SER C 261 0.46 -1.57 -18.09
N ASN C 262 0.49 -0.24 -18.21
CA ASN C 262 1.03 0.43 -19.39
C ASN C 262 2.55 0.39 -19.46
N LEU C 263 3.23 -0.04 -18.40
CA LEU C 263 4.67 -0.34 -18.48
C LEU C 263 4.98 -1.78 -18.86
N LEU C 264 3.99 -2.66 -18.92
CA LEU C 264 4.21 -4.06 -19.28
C LEU C 264 4.55 -4.19 -20.76
N VAL C 265 5.40 -5.17 -21.05
CA VAL C 265 5.71 -5.47 -22.46
C VAL C 265 4.48 -6.04 -23.17
N GLY C 266 3.68 -6.82 -22.46
CA GLY C 266 2.51 -7.47 -23.03
C GLY C 266 1.68 -8.12 -21.94
N GLU C 267 0.75 -8.96 -22.36
CA GLU C 267 -0.20 -9.61 -21.47
C GLU C 267 0.13 -11.06 -21.22
N ARG C 268 1.36 -11.48 -21.53
CA ARG C 268 1.73 -12.89 -21.34
C ARG C 268 1.75 -13.27 -19.88
N TYR C 269 2.32 -12.42 -19.03
CA TYR C 269 2.63 -12.82 -17.66
C TYR C 269 1.82 -12.12 -16.59
N ILE C 270 1.74 -10.79 -16.63
CA ILE C 270 0.95 -10.01 -15.69
C ILE C 270 -0.38 -9.56 -16.34
N ARG C 271 -1.48 -9.78 -15.64
CA ARG C 271 -2.83 -9.55 -16.17
C ARG C 271 -3.81 -9.12 -15.10
N LYS D 2 3.48 -5.05 25.73
CA LYS D 2 3.77 -3.62 26.05
C LYS D 2 4.78 -3.05 25.07
N VAL D 3 4.60 -1.81 24.69
CA VAL D 3 5.53 -1.12 23.81
C VAL D 3 6.31 -0.14 24.67
N PHE D 4 7.59 -0.43 24.87
CA PHE D 4 8.42 0.49 25.63
C PHE D 4 8.67 1.74 24.82
N GLY D 5 8.79 2.85 25.52
CA GLY D 5 9.44 4.01 24.97
C GLY D 5 10.94 3.81 24.99
N ARG D 6 11.62 4.55 24.13
CA ARG D 6 13.07 4.35 23.99
C ARG D 6 13.78 4.55 25.33
N CYS D 7 13.60 5.74 25.95
CA CYS D 7 14.33 6.01 27.20
C CYS D 7 13.84 5.09 28.31
N GLU D 8 12.53 4.80 28.32
CA GLU D 8 11.97 3.89 29.30
C GLU D 8 12.71 2.56 29.28
N LEU D 9 12.98 2.05 28.07
CA LEU D 9 13.66 0.78 27.94
C LEU D 9 15.15 0.89 28.27
N ALA D 10 15.78 2.03 27.96
CA ALA D 10 17.17 2.21 28.36
C ALA D 10 17.28 2.14 29.89
N ALA D 11 16.41 2.88 30.59
CA ALA D 11 16.46 2.92 32.03
C ALA D 11 16.29 1.53 32.60
N ALA D 12 15.32 0.78 32.06
CA ALA D 12 15.06 -0.55 32.57
C ALA D 12 16.22 -1.50 32.29
N MET D 13 16.81 -1.40 31.10
CA MET D 13 17.92 -2.29 30.77
C MET D 13 19.13 -2.02 31.66
N LYS D 14 19.36 -0.73 31.98
CA LYS D 14 20.43 -0.37 32.90
C LYS D 14 20.18 -0.96 34.29
N ARG D 15 19.00 -0.71 34.86
CA ARG D 15 18.68 -1.32 36.15
C ARG D 15 18.87 -2.85 36.11
N HIS D 16 18.64 -3.49 34.97
CA HIS D 16 18.81 -4.94 34.86
C HIS D 16 20.24 -5.36 34.48
N GLY D 17 21.19 -4.43 34.46
CA GLY D 17 22.60 -4.79 34.38
C GLY D 17 23.11 -5.07 32.99
N LEU D 18 22.50 -4.47 31.95
CA LEU D 18 23.04 -4.65 30.61
C LEU D 18 24.05 -3.58 30.26
N ASP D 19 24.06 -2.46 30.98
CA ASP D 19 24.99 -1.39 30.65
C ASP D 19 26.42 -1.86 30.86
N ASN D 20 27.15 -1.95 29.74
CA ASN D 20 28.51 -2.47 29.67
C ASN D 20 28.59 -3.97 29.98
N TYR D 21 27.47 -4.69 29.99
CA TYR D 21 27.59 -6.14 30.15
C TYR D 21 28.35 -6.72 28.96
N ARG D 22 29.43 -7.41 29.27
CA ARG D 22 30.36 -8.00 28.29
C ARG D 22 31.00 -6.97 27.36
N GLY D 23 31.21 -5.77 27.86
CA GLY D 23 31.88 -4.73 27.11
C GLY D 23 30.95 -3.86 26.29
N TYR D 24 29.70 -4.32 26.09
CA TYR D 24 28.76 -3.66 25.21
C TYR D 24 28.01 -2.57 25.95
N SER D 25 28.22 -1.33 25.53
CA SER D 25 27.52 -0.21 26.11
C SER D 25 25.99 -0.34 25.91
N LEU D 26 25.26 0.36 26.76
CA LEU D 26 23.80 0.23 26.84
C LEU D 26 23.12 0.52 25.50
N GLY D 27 23.68 1.42 24.71
CA GLY D 27 23.04 1.81 23.47
C GLY D 27 22.96 0.66 22.49
N ASN D 28 23.95 -0.23 22.50
CA ASN D 28 23.88 -1.44 21.72
C ASN D 28 22.60 -2.23 22.01
N TRP D 29 22.29 -2.42 23.30
CA TRP D 29 21.14 -3.26 23.67
C TRP D 29 19.83 -2.63 23.23
N VAL D 30 19.69 -1.32 23.40
CA VAL D 30 18.48 -0.63 22.93
C VAL D 30 18.37 -0.71 21.42
N CYS D 31 19.47 -0.38 20.74
CA CYS D 31 19.49 -0.46 19.28
C CYS D 31 19.09 -1.86 18.84
N ALA D 32 19.63 -2.89 19.47
CA ALA D 32 19.29 -4.24 19.05
C ALA D 32 17.81 -4.51 19.23
N ALA D 33 17.22 -4.00 20.32
CA ALA D 33 15.80 -4.25 20.52
C ALA D 33 14.97 -3.51 19.48
N LYS D 34 15.37 -2.29 19.13
CA LYS D 34 14.68 -1.52 18.10
C LYS D 34 14.45 -2.36 16.85
N PHE D 35 15.51 -2.93 16.30
CA PHE D 35 15.42 -3.61 15.02
C PHE D 35 14.92 -5.04 15.10
N GLU D 36 14.81 -5.62 16.32
CA GLU D 36 14.17 -6.91 16.50
C GLU D 36 12.67 -6.76 16.62
N SER D 37 12.21 -5.96 17.59
CA SER D 37 10.83 -5.96 18.02
C SER D 37 10.17 -4.58 17.99
N ASN D 38 10.90 -3.53 17.58
CA ASN D 38 10.43 -2.14 17.71
C ASN D 38 9.97 -1.85 19.13
N PHE D 39 10.60 -2.50 20.11
CA PHE D 39 10.33 -2.30 21.53
C PHE D 39 9.01 -2.96 22.00
N ASN D 40 8.45 -3.87 21.20
CA ASN D 40 7.20 -4.58 21.55
C ASN D 40 7.54 -5.88 22.29
N THR D 41 7.22 -5.96 23.60
CA THR D 41 7.48 -7.20 24.33
C THR D 41 6.68 -8.39 23.82
N GLN D 42 5.56 -8.18 23.11
CA GLN D 42 4.70 -9.28 22.69
C GLN D 42 4.97 -9.75 21.27
N ALA D 43 5.96 -9.17 20.61
CA ALA D 43 6.22 -9.49 19.22
C ALA D 43 6.59 -10.96 19.06
N THR D 44 6.11 -11.54 17.98
CA THR D 44 6.30 -12.93 17.64
C THR D 44 6.51 -13.05 16.14
N ASN D 45 7.33 -14.01 15.74
CA ASN D 45 7.60 -14.25 14.32
C ASN D 45 7.90 -15.74 14.15
N ARG D 46 6.97 -16.47 13.55
CA ARG D 46 7.15 -17.90 13.26
C ARG D 46 7.88 -18.13 11.93
N ASN D 47 8.76 -19.10 11.90
CA ASN D 47 9.64 -19.30 10.76
C ASN D 47 9.44 -20.64 10.08
N THR D 48 10.11 -20.78 8.93
CA THR D 48 9.97 -21.93 8.05
C THR D 48 10.40 -23.23 8.72
N ASP D 49 11.41 -23.17 9.60
CA ASP D 49 11.86 -24.38 10.27
C ASP D 49 10.97 -24.78 11.45
N GLY D 50 9.82 -24.10 11.69
CA GLY D 50 8.94 -24.42 12.80
C GLY D 50 9.26 -23.75 14.14
N SER D 51 10.38 -23.03 14.24
CA SER D 51 10.79 -22.20 15.37
C SER D 51 10.03 -20.87 15.38
N THR D 52 10.07 -20.20 16.54
CA THR D 52 9.46 -18.88 16.74
C THR D 52 10.45 -17.97 17.44
N ASP D 53 10.52 -16.70 17.01
CA ASP D 53 11.24 -15.63 17.71
C ASP D 53 10.30 -14.94 18.71
N TYR D 54 10.77 -14.73 19.94
CA TYR D 54 9.92 -14.25 21.03
C TYR D 54 10.43 -12.97 21.66
N GLY D 55 9.56 -11.99 21.74
CA GLY D 55 9.77 -10.88 22.64
C GLY D 55 10.70 -9.82 22.11
N ILE D 56 11.14 -9.00 23.08
CA ILE D 56 11.70 -7.67 22.80
C ILE D 56 13.02 -7.78 22.10
N LEU D 57 13.75 -8.87 22.34
CA LEU D 57 14.97 -9.16 21.59
C LEU D 57 14.80 -10.34 20.63
N GLN D 58 13.59 -10.85 20.44
CA GLN D 58 13.30 -11.85 19.41
C GLN D 58 14.18 -13.10 19.55
N ILE D 59 14.23 -13.62 20.79
CA ILE D 59 14.99 -14.83 21.09
C ILE D 59 14.33 -16.06 20.46
N ASN D 60 15.13 -16.95 19.88
CA ASN D 60 14.56 -18.00 19.04
C ASN D 60 14.49 -19.35 19.76
N SER D 61 13.40 -20.08 19.53
CA SER D 61 13.06 -21.29 20.29
C SER D 61 13.84 -22.51 19.85
N ARG D 62 14.69 -22.39 18.83
CA ARG D 62 15.42 -23.57 18.39
C ARG D 62 16.56 -23.86 19.35
N TRP D 63 17.08 -22.84 20.01
CA TRP D 63 18.20 -22.98 20.92
C TRP D 63 17.87 -22.60 22.36
N TRP D 64 17.06 -21.55 22.57
CA TRP D 64 17.15 -20.80 23.82
C TRP D 64 15.97 -20.95 24.76
N CYS D 65 14.77 -21.32 24.28
CA CYS D 65 13.61 -21.44 25.16
C CYS D 65 12.76 -22.59 24.67
N ASN D 66 11.81 -23.00 25.50
CA ASN D 66 10.93 -24.13 25.18
C ASN D 66 9.54 -23.58 24.89
N ASP D 67 8.99 -23.92 23.72
CA ASP D 67 7.62 -23.58 23.42
C ASP D 67 6.80 -24.80 23.06
N GLY D 68 7.33 -26.00 23.30
CA GLY D 68 6.59 -27.23 23.10
C GLY D 68 6.21 -27.58 21.68
N ARG D 69 6.48 -26.72 20.71
CA ARG D 69 6.09 -26.97 19.34
C ARG D 69 7.27 -26.75 18.38
N THR D 70 8.50 -26.84 18.87
CA THR D 70 9.69 -26.73 18.03
C THR D 70 10.51 -28.01 18.21
N PRO D 71 10.16 -29.08 17.52
CA PRO D 71 10.81 -30.35 17.80
C PRO D 71 12.28 -30.29 17.40
N GLY D 72 13.10 -31.05 18.13
CA GLY D 72 14.53 -31.07 17.91
C GLY D 72 15.25 -29.93 18.57
N SER D 73 14.57 -29.17 19.41
CA SER D 73 15.10 -27.92 19.91
C SER D 73 15.74 -28.11 21.29
N ARG D 74 16.62 -27.19 21.61
CA ARG D 74 17.21 -27.09 22.93
C ARG D 74 16.48 -26.01 23.73
N ASN D 75 16.83 -25.90 25.03
CA ASN D 75 16.27 -24.89 25.92
C ASN D 75 17.42 -24.38 26.79
N LEU D 76 18.36 -23.70 26.16
CA LEU D 76 19.60 -23.36 26.84
C LEU D 76 19.43 -22.26 27.89
N CYS D 77 18.41 -21.43 27.81
CA CYS D 77 18.17 -20.46 28.89
C CYS D 77 17.24 -21.02 29.95
N ASN D 78 16.88 -22.30 29.79
CA ASN D 78 15.98 -23.04 30.64
C ASN D 78 14.78 -22.21 31.09
N ILE D 79 13.95 -21.83 30.13
CA ILE D 79 12.70 -21.11 30.41
C ILE D 79 11.63 -21.46 29.38
N PRO D 80 10.37 -21.35 29.75
CA PRO D 80 9.32 -21.37 28.72
C PRO D 80 9.44 -20.11 27.89
N CYS D 81 9.16 -20.23 26.58
CA CYS D 81 9.27 -19.08 25.66
C CYS D 81 8.25 -17.99 25.99
N SER D 82 7.06 -18.39 26.46
CA SER D 82 6.05 -17.48 26.99
C SER D 82 6.61 -16.43 27.97
N ALA D 83 7.68 -16.75 28.67
CA ALA D 83 8.23 -15.81 29.65
C ALA D 83 8.97 -14.63 29.00
N LEU D 84 9.39 -14.77 27.74
CA LEU D 84 9.98 -13.67 26.98
C LEU D 84 8.94 -12.70 26.41
N LEU D 85 7.64 -12.94 26.63
CA LEU D 85 6.56 -12.07 26.14
C LEU D 85 5.98 -11.12 27.21
N SER D 86 6.44 -11.23 28.45
CA SER D 86 5.92 -10.41 29.53
C SER D 86 6.32 -8.95 29.41
N SER D 87 5.50 -8.07 29.99
CA SER D 87 5.87 -6.69 30.20
C SER D 87 7.05 -6.51 31.15
N ASP D 88 7.40 -7.55 31.88
CA ASP D 88 8.58 -7.57 32.71
C ASP D 88 9.75 -8.16 31.93
N ILE D 89 10.83 -7.38 31.77
CA ILE D 89 11.92 -7.79 30.88
C ILE D 89 12.91 -8.74 31.54
N THR D 90 12.68 -9.12 32.81
CA THR D 90 13.63 -9.95 33.55
C THR D 90 14.10 -11.16 32.74
N ALA D 91 13.15 -11.94 32.23
CA ALA D 91 13.51 -13.18 31.54
C ALA D 91 14.25 -12.91 30.24
N SER D 92 13.82 -11.91 29.50
CA SER D 92 14.51 -11.57 28.26
C SER D 92 15.92 -11.06 28.56
N VAL D 93 16.08 -10.23 29.59
CA VAL D 93 17.43 -9.77 29.91
C VAL D 93 18.33 -10.95 30.30
N ASN D 94 17.82 -11.85 31.13
CA ASN D 94 18.65 -12.93 31.67
C ASN D 94 19.07 -13.90 30.58
N CYS D 95 18.16 -14.18 29.63
CA CYS D 95 18.49 -15.07 28.54
C CYS D 95 19.41 -14.38 27.53
N ALA D 96 19.20 -13.07 27.30
CA ALA D 96 20.13 -12.32 26.45
C ALA D 96 21.54 -12.36 27.03
N LYS D 97 21.67 -12.28 28.37
CA LYS D 97 23.00 -12.36 29.00
C LYS D 97 23.68 -13.67 28.72
N LYS D 98 22.94 -14.78 28.79
CA LYS D 98 23.50 -16.06 28.36
C LYS D 98 23.91 -16.03 26.89
N ILE D 99 23.04 -15.54 26.01
CA ILE D 99 23.34 -15.57 24.56
C ILE D 99 24.63 -14.81 24.24
N VAL D 100 24.83 -13.59 24.77
CA VAL D 100 26.09 -12.87 24.46
C VAL D 100 27.31 -13.59 25.00
N SER D 101 27.11 -14.47 25.97
CA SER D 101 28.20 -15.20 26.61
C SER D 101 28.53 -16.49 25.88
N ASP D 102 27.87 -16.73 24.76
CA ASP D 102 27.86 -18.05 24.13
C ASP D 102 29.00 -18.23 23.14
N GLY D 103 29.61 -17.15 22.68
CA GLY D 103 30.86 -17.29 21.96
C GLY D 103 31.11 -16.17 20.97
N ASN D 104 30.04 -15.45 20.63
CA ASN D 104 30.04 -14.57 19.47
C ASN D 104 29.70 -13.14 19.84
N GLY D 105 29.56 -12.83 21.11
CA GLY D 105 29.19 -11.48 21.46
C GLY D 105 27.78 -11.17 20.98
N MET D 106 27.53 -9.88 20.72
CA MET D 106 26.26 -9.43 20.20
C MET D 106 26.08 -9.71 18.71
N ASN D 107 27.13 -10.20 18.03
CA ASN D 107 26.98 -10.69 16.67
C ASN D 107 25.95 -11.80 16.54
N ALA D 108 25.45 -12.36 17.64
CA ALA D 108 24.48 -13.42 17.49
C ALA D 108 23.13 -12.87 17.05
N TRP D 109 22.98 -11.54 17.07
CA TRP D 109 21.79 -10.84 16.57
C TRP D 109 22.18 -10.25 15.21
N VAL D 110 21.69 -10.87 14.13
CA VAL D 110 21.84 -10.31 12.78
C VAL D 110 21.53 -8.82 12.77
N ALA D 111 20.41 -8.45 13.38
CA ALA D 111 19.93 -7.08 13.34
C ALA D 111 20.94 -6.11 13.94
N TRP D 112 21.55 -6.46 15.08
CA TRP D 112 22.54 -5.58 15.67
C TRP D 112 23.74 -5.48 14.74
N ARG D 113 24.21 -6.63 14.23
CA ARG D 113 25.31 -6.66 13.26
C ARG D 113 25.08 -5.65 12.13
N ASN D 114 23.89 -5.71 11.50
CA ASN D 114 23.63 -4.98 10.27
C ASN D 114 23.20 -3.54 10.50
N ARG D 115 22.43 -3.27 11.56
CA ARG D 115 21.88 -1.94 11.80
C ARG D 115 22.56 -1.14 12.93
N CYS D 116 23.27 -1.80 13.83
CA CYS D 116 23.78 -1.14 15.03
C CYS D 116 25.31 -1.14 15.09
N LYS D 117 25.92 -2.28 14.82
CA LYS D 117 27.34 -2.44 15.03
C LYS D 117 28.12 -1.33 14.36
N GLY D 118 28.95 -0.65 15.12
CA GLY D 118 29.79 0.35 14.53
C GLY D 118 29.10 1.64 14.19
N THR D 119 27.81 1.78 14.48
CA THR D 119 27.15 3.07 14.42
C THR D 119 27.40 3.83 15.73
N ASP D 120 26.89 5.06 15.81
CA ASP D 120 26.89 5.81 17.07
C ASP D 120 25.76 5.31 17.94
N VAL D 121 26.00 4.20 18.65
CA VAL D 121 24.93 3.57 19.40
C VAL D 121 24.57 4.40 20.62
N GLN D 122 25.46 5.29 21.07
CA GLN D 122 25.21 6.13 22.25
C GLN D 122 24.03 7.05 22.03
N ALA D 123 23.70 7.35 20.76
CA ALA D 123 22.53 8.18 20.50
C ALA D 123 21.23 7.52 20.90
N TRP D 124 21.22 6.19 21.09
CA TRP D 124 19.99 5.53 21.54
C TRP D 124 19.64 5.88 22.98
N ILE D 125 20.58 6.38 23.80
CA ILE D 125 20.26 6.80 25.16
C ILE D 125 20.31 8.31 25.32
N ARG D 126 20.35 9.04 24.22
CA ARG D 126 20.33 10.49 24.28
C ARG D 126 19.05 10.99 24.93
N GLY D 127 19.17 11.97 25.81
CA GLY D 127 18.01 12.59 26.43
C GLY D 127 17.40 11.81 27.56
N CYS D 128 17.89 10.61 27.84
CA CYS D 128 17.38 9.82 28.94
C CYS D 128 18.18 10.15 30.19
N ARG D 129 17.50 10.21 31.33
CA ARG D 129 18.14 10.71 32.54
C ARG D 129 19.25 9.76 33.01
N LEU D 130 18.87 8.52 33.32
CA LEU D 130 19.78 7.46 33.78
C LEU D 130 20.96 7.92 34.65
#